data_4JZ9
#
_entry.id   4JZ9
#
_cell.length_a   69.922
_cell.length_b   92.740
_cell.length_c   101.836
_cell.angle_alpha   90.00
_cell.angle_beta   106.22
_cell.angle_gamma   90.00
#
_symmetry.space_group_name_H-M   'P 1 21 1'
#
loop_
_entity.id
_entity.type
_entity.pdbx_description
1 polymer 'Carbamate kinase'
2 non-polymer 'CITRIC ACID'
3 water water
#
_entity_poly.entity_id   1
_entity_poly.type   'polypeptide(L)'
_entity_poly.pdbx_seq_one_letter_code
;GMSAGKTVVIALGGNAMLQAKEKGDYDTQRKNVEIAASEIYKIHKAGYKVVLTSGNGPQVGAIKLQNQAAAGVSPEMPLH
VCGAMSQGFIGYMMSQAMDNVFCANNEPANCVTCVTQTLVDPKDQAFTNPTKPVGRFYTEQEAKDLMAANPGKILREDAG
RGWRVVVPSPRPLEIVEYGVIKTLIDNNVLVICTNGGGIPCKRENKVISGVDAVIDKDLATSLLAKTLNSDYLMILTDVL
NACINYKKPDERKLEEIKLSEILALEKDGHFAAGSMGPKVRAAIEFTQATGKMSIITSLSTAVDALNGKCGTRIIKD
;
_entity_poly.pdbx_strand_id   A,B,C,D
#
# COMPACT_ATOMS: atom_id res chain seq x y z
N MET A 2 23.60 -18.68 38.06
CA MET A 2 24.03 -18.88 39.45
C MET A 2 25.20 -17.96 39.90
N SER A 3 25.12 -17.52 41.16
CA SER A 3 26.09 -16.57 41.71
C SER A 3 27.57 -16.95 41.43
N ALA A 4 27.86 -18.23 41.21
CA ALA A 4 29.26 -18.66 41.10
C ALA A 4 29.89 -18.55 39.69
N GLY A 5 29.05 -18.48 38.67
CA GLY A 5 29.49 -18.65 37.29
C GLY A 5 30.25 -17.49 36.65
N LYS A 6 31.24 -17.86 35.83
CA LYS A 6 31.85 -16.94 34.86
C LYS A 6 30.74 -16.45 33.90
N THR A 7 31.01 -15.30 33.29
CA THR A 7 30.10 -14.74 32.31
C THR A 7 30.59 -14.96 30.88
N VAL A 8 29.69 -15.45 30.01
CA VAL A 8 29.97 -15.55 28.58
C VAL A 8 28.98 -14.70 27.74
N VAL A 9 29.54 -13.89 26.85
CA VAL A 9 28.76 -13.07 25.95
C VAL A 9 28.76 -13.79 24.61
N ILE A 10 27.58 -14.23 24.19
CA ILE A 10 27.37 -15.06 23.03
C ILE A 10 26.54 -14.34 21.98
N ALA A 11 27.05 -14.31 20.75
CA ALA A 11 26.44 -13.63 19.63
C ALA A 11 25.91 -14.58 18.57
N LEU A 12 24.60 -14.82 18.58
CA LEU A 12 23.96 -15.64 17.57
C LEU A 12 23.98 -14.99 16.17
N GLY A 13 24.08 -15.84 15.15
CA GLY A 13 24.10 -15.37 13.78
C GLY A 13 22.76 -15.52 13.10
N GLY A 14 22.76 -15.27 11.80
CA GLY A 14 21.57 -15.39 10.99
C GLY A 14 20.97 -16.79 11.07
N ASN A 15 21.78 -17.77 11.42
CA ASN A 15 21.28 -19.14 11.35
C ASN A 15 20.50 -19.47 12.61
N ALA A 16 20.60 -18.62 13.61
CA ALA A 16 19.74 -18.78 14.77
C ALA A 16 18.27 -18.43 14.41
N MET A 17 18.06 -17.90 13.22
CA MET A 17 16.72 -17.53 12.75
C MET A 17 16.41 -18.06 11.33
N LEU A 18 17.39 -17.92 10.44
CA LEU A 18 17.26 -18.41 9.07
C LEU A 18 18.32 -19.48 8.73
N GLN A 19 17.86 -20.52 8.03
CA GLN A 19 18.76 -21.49 7.40
C GLN A 19 18.98 -21.08 5.95
N ALA A 20 20.07 -21.58 5.36
CA ALA A 20 20.42 -21.26 3.99
C ALA A 20 19.18 -21.10 3.12
N LYS A 21 18.94 -19.88 2.65
CA LYS A 21 17.84 -19.61 1.73
C LYS A 21 16.52 -20.25 2.21
N GLU A 22 16.10 -19.89 3.42
CA GLU A 22 14.80 -20.30 3.92
C GLU A 22 13.88 -19.08 3.86
N LYS A 23 12.56 -19.31 3.84
CA LYS A 23 11.61 -18.20 3.94
C LYS A 23 11.28 -17.76 5.38
N GLY A 24 11.18 -16.45 5.56
CA GLY A 24 11.05 -15.86 6.88
C GLY A 24 9.63 -15.68 7.41
N ASP A 25 8.82 -16.72 7.31
CA ASP A 25 7.56 -16.64 8.00
C ASP A 25 7.88 -16.86 9.46
N TYR A 26 6.94 -16.46 10.31
CA TYR A 26 7.13 -16.52 11.75
C TYR A 26 7.48 -17.93 12.23
N ASP A 27 6.76 -18.92 11.72
CA ASP A 27 6.90 -20.30 12.20
C ASP A 27 8.23 -20.94 11.85
N THR A 28 8.72 -20.63 10.67
CA THR A 28 10.05 -21.02 10.33
C THR A 28 11.09 -20.46 11.30
N GLN A 29 11.05 -19.16 11.59
CA GLN A 29 12.15 -18.55 12.31
C GLN A 29 12.14 -19.01 13.76
N ARG A 30 10.94 -19.22 14.26
CA ARG A 30 10.70 -19.62 15.64
C ARG A 30 11.28 -20.99 15.90
N LYS A 31 11.04 -21.90 14.97
CA LYS A 31 11.58 -23.25 15.10
C LYS A 31 13.10 -23.19 15.20
N ASN A 32 13.75 -22.37 14.38
CA ASN A 32 15.20 -22.28 14.44
C ASN A 32 15.66 -21.64 15.73
N VAL A 33 14.82 -20.79 16.30
CA VAL A 33 15.12 -20.16 17.55
C VAL A 33 15.00 -21.18 18.70
N GLU A 34 14.01 -22.06 18.65
CA GLU A 34 13.94 -23.14 19.61
C GLU A 34 15.23 -24.01 19.54
N ILE A 35 15.66 -24.36 18.32
CA ILE A 35 16.91 -25.06 18.15
C ILE A 35 18.11 -24.40 18.87
N ALA A 36 18.27 -23.10 18.71
CA ALA A 36 19.37 -22.38 19.36
C ALA A 36 19.21 -22.30 20.89
N ALA A 37 18.01 -21.96 21.35
CA ALA A 37 17.72 -21.97 22.78
C ALA A 37 18.21 -23.29 23.42
N SER A 38 17.96 -24.42 22.76
CA SER A 38 18.29 -25.68 23.38
C SER A 38 19.81 -25.83 23.57
N GLU A 39 20.57 -25.26 22.66
CA GLU A 39 22.02 -25.27 22.77
C GLU A 39 22.47 -24.26 23.83
N ILE A 40 21.79 -23.12 23.88
CA ILE A 40 22.14 -22.08 24.83
C ILE A 40 21.87 -22.55 26.25
N TYR A 41 20.76 -23.24 26.45
CA TYR A 41 20.44 -23.79 27.76
C TYR A 41 21.55 -24.67 28.35
N LYS A 42 22.19 -25.49 27.52
CA LYS A 42 23.28 -26.33 28.02
C LYS A 42 24.40 -25.53 28.68
N ILE A 43 24.75 -24.39 28.09
CA ILE A 43 25.72 -23.46 28.68
C ILE A 43 25.33 -22.86 30.06
N HIS A 44 24.02 -22.66 30.25
CA HIS A 44 23.47 -22.11 31.47
C HIS A 44 23.37 -23.21 32.51
N LYS A 45 22.97 -24.40 32.03
CA LYS A 45 22.95 -25.61 32.83
C LYS A 45 24.37 -25.91 33.29
N ALA A 46 25.35 -25.62 32.45
CA ALA A 46 26.74 -25.88 32.82
C ALA A 46 27.20 -24.87 33.87
N GLY A 47 26.35 -23.88 34.14
CA GLY A 47 26.57 -23.00 35.27
C GLY A 47 27.09 -21.62 34.93
N TYR A 48 27.37 -21.37 33.65
CA TYR A 48 27.76 -20.03 33.17
C TYR A 48 26.65 -18.95 33.25
N LYS A 49 27.05 -17.69 33.36
CA LYS A 49 26.08 -16.60 33.24
C LYS A 49 26.09 -16.22 31.77
N VAL A 50 24.90 -16.00 31.21
CA VAL A 50 24.74 -15.70 29.78
C VAL A 50 24.19 -14.32 29.41
N VAL A 51 24.95 -13.61 28.58
CA VAL A 51 24.40 -12.53 27.75
C VAL A 51 24.29 -13.00 26.30
N LEU A 52 23.10 -12.86 25.73
CA LEU A 52 22.84 -13.30 24.36
C LEU A 52 22.54 -12.15 23.41
N THR A 53 23.36 -11.99 22.38
CA THR A 53 23.03 -11.04 21.33
C THR A 53 22.70 -11.78 20.03
N SER A 54 22.45 -10.99 18.99
CA SER A 54 22.20 -11.53 17.67
C SER A 54 22.28 -10.44 16.57
N GLY A 55 22.23 -10.87 15.31
CA GLY A 55 22.08 -9.97 14.18
C GLY A 55 20.61 -9.78 13.84
N ASN A 56 20.31 -8.91 12.88
CA ASN A 56 18.93 -8.75 12.44
C ASN A 56 18.76 -8.48 10.95
N GLY A 57 19.83 -8.70 10.18
CA GLY A 57 19.86 -8.46 8.76
C GLY A 57 18.55 -8.76 8.05
N PRO A 58 18.16 -10.04 8.02
CA PRO A 58 16.95 -10.47 7.31
C PRO A 58 15.67 -9.87 7.91
N GLN A 59 15.64 -9.78 9.23
CA GLN A 59 14.46 -9.34 9.96
C GLN A 59 14.22 -7.84 9.85
N VAL A 60 15.26 -7.05 10.01
CA VAL A 60 15.10 -5.61 9.87
C VAL A 60 14.82 -5.29 8.40
N GLY A 61 15.53 -5.97 7.53
CA GLY A 61 15.24 -5.80 6.12
C GLY A 61 13.76 -5.96 5.80
N ALA A 62 13.17 -7.04 6.29
CA ALA A 62 11.77 -7.31 6.03
C ALA A 62 10.89 -6.16 6.59
N ILE A 63 11.19 -5.73 7.80
CA ILE A 63 10.36 -4.68 8.39
C ILE A 63 10.39 -3.43 7.50
N LYS A 64 11.57 -3.08 7.03
CA LYS A 64 11.72 -1.92 6.18
C LYS A 64 10.94 -2.12 4.87
N LEU A 65 10.99 -3.34 4.36
CA LEU A 65 10.29 -3.64 3.13
C LEU A 65 8.82 -3.41 3.37
N GLN A 66 8.33 -3.85 4.53
CA GLN A 66 6.91 -3.72 4.76
C GLN A 66 6.59 -2.27 4.94
N ASN A 67 7.49 -1.51 5.56
CA ASN A 67 7.19 -0.09 5.74
C ASN A 67 7.05 0.66 4.40
N GLN A 68 7.87 0.27 3.42
CA GLN A 68 7.79 0.88 2.10
C GLN A 68 6.57 0.40 1.33
N ALA A 69 6.33 -0.90 1.36
CA ALA A 69 5.22 -1.45 0.61
C ALA A 69 3.90 -0.82 1.01
N ALA A 70 3.73 -0.58 2.33
CA ALA A 70 2.45 -0.09 2.87
C ALA A 70 2.43 1.43 3.07
N ALA A 71 3.47 2.09 2.59
CA ALA A 71 3.63 3.55 2.70
C ALA A 71 2.39 4.43 2.34
N GLY A 72 1.68 4.08 1.28
CA GLY A 72 0.56 4.87 0.84
C GLY A 72 -0.58 4.68 1.80
N VAL A 73 -0.47 3.69 2.65
CA VAL A 73 -1.63 3.33 3.45
C VAL A 73 -1.36 3.43 4.95
N SER A 74 -0.09 3.63 5.30
CA SER A 74 0.34 3.72 6.70
C SER A 74 1.71 4.42 6.73
N PRO A 75 1.90 5.36 7.68
CA PRO A 75 3.16 6.16 7.62
C PRO A 75 4.38 5.27 7.83
N GLU A 76 5.36 5.47 6.95
CA GLU A 76 6.54 4.63 6.90
C GLU A 76 7.56 5.04 7.95
N MET A 77 8.06 4.08 8.73
CA MET A 77 9.04 4.37 9.78
C MET A 77 10.49 4.37 9.29
N PRO A 78 11.34 5.16 9.95
CA PRO A 78 12.79 5.18 9.61
C PRO A 78 13.48 3.85 9.90
N LEU A 79 14.67 3.66 9.33
CA LEU A 79 15.36 2.39 9.45
C LEU A 79 15.63 2.14 10.93
N HIS A 80 15.97 3.20 11.65
CA HIS A 80 16.38 3.00 13.02
C HIS A 80 15.20 2.51 13.84
N VAL A 81 14.00 3.04 13.54
CA VAL A 81 12.73 2.57 14.14
C VAL A 81 12.44 1.12 13.77
N CYS A 82 12.69 0.80 12.52
CA CYS A 82 12.54 -0.58 12.07
C CYS A 82 13.42 -1.56 12.88
N GLY A 83 14.66 -1.19 13.17
CA GLY A 83 15.50 -1.98 14.05
C GLY A 83 14.87 -2.20 15.43
N ALA A 84 14.41 -1.11 16.05
CA ALA A 84 13.69 -1.18 17.31
C ALA A 84 12.60 -2.21 17.26
N MET A 85 11.82 -2.18 16.20
CA MET A 85 10.75 -3.16 16.05
C MET A 85 11.32 -4.56 15.90
N SER A 86 12.52 -4.67 15.34
CA SER A 86 13.04 -5.98 15.04
C SER A 86 13.55 -6.59 16.33
N GLN A 87 14.04 -5.75 17.24
CA GLN A 87 14.51 -6.23 18.51
C GLN A 87 13.30 -6.74 19.31
N GLY A 88 12.16 -6.08 19.12
CA GLY A 88 10.91 -6.51 19.71
C GLY A 88 10.56 -7.88 19.19
N PHE A 89 10.64 -8.07 17.87
CA PHE A 89 10.35 -9.37 17.22
C PHE A 89 11.32 -10.44 17.70
N ILE A 90 12.59 -10.20 17.43
CA ILE A 90 13.63 -11.16 17.70
C ILE A 90 13.78 -11.43 19.17
N GLY A 91 13.73 -10.38 19.98
CA GLY A 91 13.85 -10.56 21.42
C GLY A 91 12.72 -11.44 21.94
N TYR A 92 11.50 -11.17 21.52
CA TYR A 92 10.39 -11.99 21.94
C TYR A 92 10.57 -13.48 21.63
N MET A 93 11.05 -13.79 20.44
CA MET A 93 11.28 -15.16 20.05
C MET A 93 12.29 -15.84 20.98
N MET A 94 13.38 -15.15 21.25
CA MET A 94 14.48 -15.69 22.05
C MET A 94 14.10 -15.94 23.50
N SER A 95 13.48 -14.95 24.11
CA SER A 95 13.05 -15.08 25.51
C SER A 95 11.96 -16.13 25.68
N GLN A 96 11.07 -16.24 24.70
CA GLN A 96 9.99 -17.22 24.76
C GLN A 96 10.55 -18.63 24.62
N ALA A 97 11.39 -18.82 23.63
CA ALA A 97 12.15 -20.07 23.49
C ALA A 97 13.00 -20.33 24.73
N MET A 98 13.72 -19.30 25.17
CA MET A 98 14.54 -19.46 26.35
C MET A 98 13.73 -19.86 27.59
N ASP A 99 12.56 -19.25 27.81
CA ASP A 99 11.67 -19.65 28.90
C ASP A 99 11.14 -21.08 28.71
N ASN A 100 10.86 -21.44 27.49
CA ASN A 100 10.31 -22.77 27.26
C ASN A 100 11.29 -23.90 27.60
N VAL A 101 12.58 -23.72 27.33
CA VAL A 101 13.56 -24.76 27.63
C VAL A 101 13.78 -24.83 29.14
N PHE A 102 13.91 -23.67 29.76
CA PHE A 102 13.94 -23.59 31.22
C PHE A 102 12.83 -24.43 31.82
N CYS A 103 11.60 -24.17 31.41
CA CYS A 103 10.45 -24.84 31.98
C CYS A 103 10.45 -26.35 31.68
N ALA A 104 10.97 -26.71 30.52
CA ALA A 104 11.05 -28.12 30.13
C ALA A 104 12.03 -28.85 31.00
N ASN A 105 12.93 -28.07 31.60
CA ASN A 105 14.00 -28.61 32.43
C ASN A 105 13.72 -28.25 33.88
N ASN A 106 12.45 -27.95 34.15
CA ASN A 106 12.02 -27.68 35.50
C ASN A 106 12.76 -26.54 36.25
N GLU A 107 13.30 -25.58 35.50
CA GLU A 107 13.89 -24.40 36.10
C GLU A 107 12.88 -23.24 35.94
N PRO A 108 12.77 -22.39 36.97
CA PRO A 108 11.89 -21.24 36.80
C PRO A 108 12.63 -20.24 35.94
N ALA A 109 11.87 -19.58 35.08
CA ALA A 109 12.39 -18.71 34.07
C ALA A 109 12.79 -17.37 34.67
N ASN A 110 14.07 -17.03 34.55
CA ASN A 110 14.42 -15.61 34.55
C ASN A 110 15.40 -15.25 33.42
N CYS A 111 14.79 -14.66 32.39
CA CYS A 111 15.49 -14.16 31.24
C CYS A 111 14.66 -13.01 30.69
N VAL A 112 15.30 -11.92 30.30
CA VAL A 112 14.63 -10.85 29.57
C VAL A 112 15.39 -10.40 28.36
N THR A 113 14.65 -9.84 27.39
CA THR A 113 15.20 -9.04 26.30
C THR A 113 15.12 -7.57 26.67
N CYS A 114 16.21 -6.86 26.45
CA CYS A 114 16.26 -5.44 26.68
C CYS A 114 16.41 -4.70 25.37
N VAL A 115 15.55 -3.71 25.17
CA VAL A 115 15.70 -2.84 24.02
C VAL A 115 17.04 -2.11 24.14
N THR A 116 17.79 -2.08 23.05
CA THR A 116 19.17 -1.62 23.10
C THR A 116 19.49 -0.55 22.03
N GLN A 117 20.02 0.56 22.50
CA GLN A 117 20.52 1.65 21.66
C GLN A 117 22.02 1.62 21.64
N THR A 118 22.61 1.81 20.46
CA THR A 118 24.06 1.85 20.35
C THR A 118 24.50 3.18 19.79
N LEU A 119 25.35 3.89 20.53
CA LEU A 119 25.87 5.15 20.03
C LEU A 119 26.93 4.95 18.96
N VAL A 120 26.93 5.84 17.95
CA VAL A 120 27.88 5.78 16.84
C VAL A 120 28.33 7.18 16.46
N ASP A 121 29.36 7.25 15.62
CA ASP A 121 29.91 8.54 15.21
C ASP A 121 29.25 9.08 13.95
N PRO A 122 28.72 10.33 14.03
CA PRO A 122 27.89 10.90 12.96
C PRO A 122 28.72 11.18 11.71
N LYS A 123 30.03 11.15 11.88
CA LYS A 123 30.93 11.46 10.80
C LYS A 123 31.72 10.22 10.38
N ASP A 124 31.20 9.05 10.79
CA ASP A 124 31.79 7.76 10.40
C ASP A 124 31.81 7.63 8.88
N GLN A 125 32.92 7.15 8.33
CA GLN A 125 33.05 6.97 6.88
C GLN A 125 31.86 6.23 6.34
N ALA A 126 31.34 5.28 7.12
CA ALA A 126 30.21 4.47 6.68
C ALA A 126 28.95 5.30 6.31
N PHE A 127 28.90 6.56 6.73
CA PHE A 127 27.76 7.44 6.44
C PHE A 127 27.89 8.12 5.10
N THR A 128 28.87 7.68 4.31
CA THR A 128 29.07 8.19 2.97
C THR A 128 29.35 6.99 2.06
N ASN A 129 29.24 5.78 2.63
CA ASN A 129 29.54 4.55 1.91
C ASN A 129 28.98 3.28 2.56
N PRO A 130 27.73 2.94 2.23
CA PRO A 130 26.96 1.79 2.71
C PRO A 130 27.56 0.41 2.40
N THR A 131 28.04 -0.30 3.43
CA THR A 131 28.59 -1.65 3.25
C THR A 131 27.58 -2.76 3.50
N LYS A 132 26.74 -2.59 4.50
CA LYS A 132 26.11 -3.75 5.12
C LYS A 132 24.86 -4.27 4.41
N PRO A 133 24.92 -5.55 3.97
CA PRO A 133 23.80 -6.29 3.40
C PRO A 133 22.68 -6.55 4.43
N VAL A 134 21.46 -6.30 3.97
CA VAL A 134 20.27 -6.48 4.79
C VAL A 134 19.08 -6.90 3.93
N GLY A 135 18.16 -7.62 4.56
CA GLY A 135 16.97 -8.12 3.89
C GLY A 135 17.30 -9.37 3.11
N ARG A 136 16.44 -9.69 2.15
CA ARG A 136 16.60 -10.85 1.29
C ARG A 136 17.27 -10.46 -0.03
N PHE A 137 17.54 -11.48 -0.85
CA PHE A 137 18.28 -11.30 -2.10
C PHE A 137 17.35 -10.97 -3.27
N TYR A 138 17.79 -10.02 -4.11
CA TYR A 138 17.14 -9.77 -5.40
C TYR A 138 18.01 -10.37 -6.52
N THR A 139 17.61 -10.13 -7.76
CA THR A 139 18.40 -10.49 -8.92
C THR A 139 18.75 -9.22 -9.70
N GLU A 140 19.88 -9.24 -10.41
CA GLU A 140 20.38 -8.04 -11.11
C GLU A 140 19.29 -7.24 -11.84
N GLN A 141 18.35 -7.93 -12.46
CA GLN A 141 17.28 -7.25 -13.18
C GLN A 141 16.38 -6.50 -12.21
N GLU A 142 15.93 -7.19 -11.16
CA GLU A 142 15.16 -6.57 -10.10
C GLU A 142 16.00 -5.48 -9.40
N ALA A 143 17.29 -5.79 -9.19
CA ALA A 143 18.22 -4.92 -8.48
C ALA A 143 18.63 -3.70 -9.28
N LYS A 144 19.22 -3.94 -10.45
CA LYS A 144 19.73 -2.86 -11.30
C LYS A 144 18.59 -1.98 -11.77
N ASP A 145 17.39 -2.55 -11.78
CA ASP A 145 16.18 -1.75 -11.92
C ASP A 145 15.99 -0.85 -10.71
N LEU A 146 15.86 -1.47 -9.54
CA LEU A 146 15.40 -0.78 -8.35
C LEU A 146 16.08 0.57 -8.09
N MET A 147 17.15 0.88 -8.82
CA MET A 147 17.70 2.25 -8.82
C MET A 147 17.06 3.09 -9.93
N ALA A 148 15.97 2.57 -10.51
CA ALA A 148 15.18 3.25 -11.52
C ALA A 148 14.16 4.22 -10.92
N ALA A 149 13.32 3.73 -10.02
CA ALA A 149 12.37 4.60 -9.30
C ALA A 149 13.05 5.19 -8.07
N ASN A 150 14.00 4.43 -7.52
CA ASN A 150 14.75 4.82 -6.33
C ASN A 150 16.27 4.92 -6.55
N PRO A 151 16.76 6.09 -7.04
CA PRO A 151 18.22 6.24 -7.19
C PRO A 151 18.96 6.20 -5.84
N GLY A 152 18.32 6.73 -4.80
CA GLY A 152 18.89 6.77 -3.46
C GLY A 152 19.13 5.41 -2.83
N LYS A 153 18.25 4.45 -3.12
CA LYS A 153 18.45 3.08 -2.66
C LYS A 153 19.55 2.47 -3.53
N ILE A 154 20.21 1.44 -3.02
CA ILE A 154 21.37 0.85 -3.70
C ILE A 154 21.67 -0.57 -3.22
N LEU A 155 21.97 -1.45 -4.17
CA LEU A 155 22.23 -2.87 -3.91
C LEU A 155 23.67 -3.28 -4.20
N ARG A 156 24.04 -4.47 -3.76
CA ARG A 156 25.43 -4.94 -3.85
C ARG A 156 25.55 -6.46 -3.96
N GLU A 157 26.66 -6.91 -4.55
CA GLU A 157 26.95 -8.32 -4.75
C GLU A 157 27.18 -9.11 -3.44
N ASP A 158 26.38 -10.15 -3.26
CA ASP A 158 26.61 -11.12 -2.19
C ASP A 158 27.02 -12.45 -2.85
N ALA A 159 27.61 -12.33 -4.04
CA ALA A 159 28.21 -13.45 -4.76
C ALA A 159 27.30 -14.68 -4.88
N GLY A 160 26.56 -14.74 -5.98
CA GLY A 160 25.75 -15.89 -6.31
C GLY A 160 24.34 -15.91 -5.73
N ARG A 161 24.24 -15.68 -4.42
CA ARG A 161 22.95 -15.71 -3.74
C ARG A 161 22.05 -14.57 -4.23
N GLY A 162 22.67 -13.46 -4.66
CA GLY A 162 21.94 -12.37 -5.29
C GLY A 162 22.39 -10.95 -4.99
N TRP A 163 21.47 -10.02 -5.21
CA TRP A 163 21.74 -8.61 -4.96
C TRP A 163 20.99 -8.09 -3.72
N ARG A 164 21.70 -7.44 -2.79
CA ARG A 164 21.10 -7.01 -1.51
C ARG A 164 21.24 -5.50 -1.22
N VAL A 165 20.19 -4.90 -0.64
CA VAL A 165 20.25 -3.53 -0.08
C VAL A 165 21.44 -3.40 0.86
N VAL A 166 22.19 -2.31 0.75
CA VAL A 166 23.22 -2.02 1.74
C VAL A 166 22.89 -0.68 2.39
N VAL A 167 23.51 -0.41 3.55
CA VAL A 167 23.23 0.80 4.33
C VAL A 167 24.44 1.15 5.19
N PRO A 168 24.47 2.37 5.75
CA PRO A 168 25.60 2.70 6.63
C PRO A 168 25.77 1.69 7.79
N SER A 169 27.00 1.22 7.97
CA SER A 169 27.34 0.28 9.02
C SER A 169 28.53 0.82 9.83
N PRO A 170 28.32 1.93 10.53
CA PRO A 170 29.39 2.59 11.28
C PRO A 170 29.79 1.81 12.52
N ARG A 171 30.92 2.21 13.10
CA ARG A 171 31.50 1.61 14.30
C ARG A 171 30.64 1.87 15.56
N PRO A 172 30.32 0.80 16.30
CA PRO A 172 29.68 0.92 17.61
C PRO A 172 30.61 1.64 18.62
N LEU A 173 30.11 2.69 19.23
CA LEU A 173 30.92 3.43 20.18
C LEU A 173 30.52 3.14 21.61
N GLU A 174 29.25 2.84 21.83
CA GLU A 174 28.76 2.68 23.20
C GLU A 174 27.37 2.04 23.27
N ILE A 175 27.21 1.14 24.25
CA ILE A 175 25.93 0.52 24.53
C ILE A 175 25.27 1.33 25.62
N VAL A 176 24.24 2.10 25.24
CA VAL A 176 23.58 3.03 26.14
C VAL A 176 23.09 2.32 27.41
N GLU A 177 22.61 1.11 27.24
CA GLU A 177 22.03 0.36 28.36
C GLU A 177 23.02 -0.50 29.22
N TYR A 178 24.31 -0.47 28.86
CA TYR A 178 25.34 -1.30 29.54
C TYR A 178 25.13 -1.48 31.06
N GLY A 179 25.03 -0.35 31.76
CA GLY A 179 24.80 -0.29 33.21
C GLY A 179 23.65 -1.16 33.68
N VAL A 180 22.54 -1.13 32.96
CA VAL A 180 21.42 -1.96 33.34
C VAL A 180 21.67 -3.46 33.03
N ILE A 181 22.38 -3.73 31.93
CA ILE A 181 22.68 -5.11 31.55
C ILE A 181 23.61 -5.72 32.61
N LYS A 182 24.63 -4.97 33.01
CA LYS A 182 25.54 -5.49 34.01
C LYS A 182 24.78 -5.82 35.27
N THR A 183 23.96 -4.86 35.72
CA THR A 183 23.10 -5.08 36.88
C THR A 183 22.27 -6.38 36.76
N LEU A 184 21.68 -6.65 35.60
CA LEU A 184 20.93 -7.88 35.41
C LEU A 184 21.78 -9.16 35.55
N ILE A 185 22.98 -9.17 34.97
CA ILE A 185 23.83 -10.37 35.04
C ILE A 185 24.38 -10.55 36.43
N ASP A 186 24.86 -9.45 37.04
CA ASP A 186 25.15 -9.47 38.47
C ASP A 186 24.13 -10.29 39.25
N ASN A 187 22.87 -10.26 38.81
CA ASN A 187 21.79 -10.94 39.52
C ASN A 187 21.43 -12.25 38.90
N ASN A 188 22.30 -12.76 38.06
CA ASN A 188 22.08 -14.08 37.50
C ASN A 188 20.84 -14.15 36.57
N VAL A 189 20.52 -13.04 35.90
CA VAL A 189 19.47 -13.03 34.87
C VAL A 189 20.08 -13.32 33.50
N LEU A 190 19.49 -14.26 32.75
CA LEU A 190 19.91 -14.51 31.37
C LEU A 190 19.39 -13.36 30.48
N VAL A 191 20.31 -12.51 30.04
CA VAL A 191 19.97 -11.28 29.32
C VAL A 191 20.03 -11.38 27.79
N ILE A 192 18.96 -10.97 27.12
CA ILE A 192 19.00 -10.87 25.67
C ILE A 192 18.99 -9.42 25.28
N CYS A 193 19.99 -8.96 24.52
CA CYS A 193 20.14 -7.52 24.25
C CYS A 193 20.93 -7.22 22.98
N THR A 194 21.00 -5.95 22.56
CA THR A 194 21.82 -5.59 21.40
C THR A 194 21.56 -6.54 20.19
N ASN A 195 20.30 -6.94 19.99
CA ASN A 195 19.95 -7.78 18.87
C ASN A 195 20.07 -6.91 17.66
N GLY A 196 20.65 -7.46 16.60
CA GLY A 196 21.05 -6.65 15.46
C GLY A 196 22.09 -5.56 15.73
N GLY A 197 22.83 -5.67 16.83
CA GLY A 197 23.87 -4.72 17.16
C GLY A 197 23.37 -3.43 17.80
N GLY A 198 22.08 -3.35 18.10
CA GLY A 198 21.53 -2.20 18.82
C GLY A 198 21.14 -1.08 17.88
N ILE A 199 20.15 -0.29 18.30
CA ILE A 199 19.59 0.79 17.49
C ILE A 199 20.62 1.88 17.30
N PRO A 200 21.10 2.04 16.07
CA PRO A 200 22.17 3.02 15.88
C PRO A 200 21.69 4.40 16.29
N CYS A 201 22.43 5.06 17.17
CA CYS A 201 22.07 6.41 17.56
C CYS A 201 23.29 7.32 17.58
N LYS A 202 23.03 8.61 17.72
CA LYS A 202 24.08 9.59 17.94
C LYS A 202 23.67 10.47 19.09
N ARG A 203 24.65 11.10 19.72
CA ARG A 203 24.42 11.96 20.84
C ARG A 203 25.19 13.24 20.67
N GLU A 204 24.48 14.36 20.52
CA GLU A 204 25.15 15.65 20.50
C GLU A 204 24.37 16.69 21.30
N ASN A 205 25.11 17.54 22.03
CA ASN A 205 24.47 18.53 22.89
C ASN A 205 23.40 17.89 23.77
N LYS A 206 23.84 16.89 24.55
CA LYS A 206 23.03 16.20 25.55
C LYS A 206 21.82 15.37 25.04
N VAL A 207 21.72 15.19 23.74
CA VAL A 207 20.53 14.56 23.16
C VAL A 207 20.88 13.34 22.30
N ILE A 208 20.20 12.23 22.58
CA ILE A 208 20.34 11.00 21.80
C ILE A 208 19.20 10.92 20.81
N SER A 209 19.52 10.60 19.55
CA SER A 209 18.50 10.39 18.53
C SER A 209 18.96 9.36 17.48
N GLY A 210 18.00 8.68 16.88
CA GLY A 210 18.26 7.53 16.05
C GLY A 210 18.81 7.97 14.71
N VAL A 211 19.82 7.26 14.22
CA VAL A 211 20.30 7.47 12.84
C VAL A 211 19.95 6.26 11.99
N ASP A 212 19.72 6.48 10.71
CA ASP A 212 19.37 5.37 9.83
C ASP A 212 20.62 4.57 9.47
N ALA A 213 20.70 3.36 10.02
CA ALA A 213 21.84 2.52 9.83
C ALA A 213 21.57 1.16 10.44
N VAL A 214 22.54 0.27 10.32
CA VAL A 214 22.53 -1.05 10.92
C VAL A 214 23.96 -1.39 11.31
N ILE A 215 24.17 -1.61 12.61
CA ILE A 215 25.50 -1.78 13.14
C ILE A 215 25.91 -3.25 13.03
N ASP A 216 27.21 -3.49 12.96
CA ASP A 216 27.71 -4.85 12.99
C ASP A 216 27.47 -5.53 14.33
N LYS A 217 26.67 -6.59 14.30
CA LYS A 217 26.44 -7.47 15.45
C LYS A 217 27.74 -7.81 16.21
N ASP A 218 28.73 -8.36 15.51
CA ASP A 218 29.94 -8.84 16.15
C ASP A 218 30.76 -7.74 16.82
N LEU A 219 31.04 -6.67 16.10
CA LEU A 219 31.80 -5.60 16.71
C LEU A 219 31.05 -5.07 17.92
N ALA A 220 29.73 -4.96 17.78
CA ALA A 220 28.89 -4.49 18.89
C ALA A 220 29.02 -5.40 20.11
N THR A 221 28.94 -6.71 19.89
CA THR A 221 29.00 -7.69 20.97
C THR A 221 30.33 -7.68 21.71
N SER A 222 31.40 -7.53 20.93
CA SER A 222 32.75 -7.40 21.43
C SER A 222 32.83 -6.15 22.31
N LEU A 223 32.29 -5.06 21.80
CA LEU A 223 32.15 -3.83 22.56
C LEU A 223 31.49 -4.13 23.90
N LEU A 224 30.35 -4.80 23.88
CA LEU A 224 29.62 -5.05 25.11
C LEU A 224 30.44 -5.91 26.07
N ALA A 225 31.04 -6.97 25.53
CA ALA A 225 31.72 -7.98 26.33
C ALA A 225 32.89 -7.40 27.12
N LYS A 226 33.60 -6.46 26.53
CA LYS A 226 34.68 -5.79 27.22
C LYS A 226 34.25 -4.72 28.23
N THR A 227 33.24 -3.93 27.87
CA THR A 227 32.65 -2.99 28.82
C THR A 227 32.13 -3.77 30.02
N LEU A 228 31.59 -4.95 29.74
CA LEU A 228 31.12 -5.87 30.78
C LEU A 228 32.31 -6.56 31.49
N ASN A 229 33.50 -6.39 30.91
CA ASN A 229 34.66 -7.17 31.28
C ASN A 229 34.32 -8.64 31.50
N SER A 230 33.64 -9.23 30.52
CA SER A 230 33.19 -10.61 30.68
C SER A 230 34.33 -11.59 30.54
N ASP A 231 34.06 -12.84 30.88
CA ASP A 231 35.06 -13.88 30.86
C ASP A 231 35.30 -14.46 29.46
N TYR A 232 34.22 -14.68 28.71
CA TYR A 232 34.35 -15.21 27.36
C TYR A 232 33.53 -14.39 26.40
N LEU A 233 33.95 -14.36 25.15
CA LEU A 233 33.12 -13.91 24.04
C LEU A 233 33.03 -15.08 23.04
N MET A 234 31.82 -15.56 22.75
CA MET A 234 31.61 -16.51 21.64
C MET A 234 30.85 -15.82 20.49
N ILE A 235 31.38 -15.92 19.27
CA ILE A 235 30.56 -15.66 18.11
C ILE A 235 30.17 -17.06 17.61
N LEU A 236 28.89 -17.26 17.34
CA LEU A 236 28.42 -18.53 16.82
C LEU A 236 27.97 -18.37 15.39
N THR A 237 28.62 -19.08 14.49
CA THR A 237 28.25 -19.06 13.09
C THR A 237 27.59 -20.39 12.64
N ASP A 238 27.83 -20.77 11.41
CA ASP A 238 27.40 -22.08 10.89
C ASP A 238 28.64 -22.80 10.40
N VAL A 239 29.77 -22.09 10.47
CA VAL A 239 31.12 -22.61 10.23
C VAL A 239 31.73 -22.99 11.58
N LEU A 240 31.70 -24.28 11.94
CA LEU A 240 32.22 -24.77 13.23
C LEU A 240 33.64 -24.28 13.56
N ASN A 241 34.14 -23.37 12.72
CA ASN A 241 35.56 -23.24 12.51
C ASN A 241 36.01 -22.07 11.64
N ALA A 242 36.98 -21.30 12.11
CA ALA A 242 37.72 -20.41 11.22
C ALA A 242 38.72 -21.22 10.39
N CYS A 243 38.76 -20.96 9.08
CA CYS A 243 39.70 -21.65 8.21
C CYS A 243 40.62 -20.66 7.54
N ILE A 244 41.90 -20.99 7.52
CA ILE A 244 42.82 -20.36 6.60
C ILE A 244 42.74 -21.20 5.32
N ASN A 245 42.82 -20.54 4.16
CA ASN A 245 42.85 -21.23 2.87
C ASN A 245 41.71 -22.22 2.66
N TYR A 246 40.46 -21.76 2.74
CA TYR A 246 39.35 -22.67 2.48
C TYR A 246 39.44 -23.14 1.03
N LYS A 247 39.00 -24.37 0.77
CA LYS A 247 39.06 -24.94 -0.57
C LYS A 247 40.50 -25.10 -1.01
N LYS A 248 41.33 -25.73 -0.18
CA LYS A 248 42.76 -25.80 -0.50
C LYS A 248 43.46 -27.06 0.00
N PRO A 249 44.48 -27.52 -0.75
CA PRO A 249 45.45 -28.53 -0.29
C PRO A 249 46.04 -28.17 1.08
N ASP A 250 46.44 -26.92 1.24
CA ASP A 250 46.93 -26.41 2.52
C ASP A 250 45.90 -25.57 3.30
N GLU A 251 44.64 -26.01 3.28
CA GLU A 251 43.62 -25.47 4.17
C GLU A 251 43.96 -25.83 5.62
N ARG A 252 44.32 -24.84 6.42
CA ARG A 252 44.62 -25.08 7.84
C ARG A 252 43.46 -24.57 8.70
N LYS A 253 42.68 -25.49 9.26
CA LYS A 253 41.60 -25.11 10.17
C LYS A 253 42.16 -24.58 11.51
N LEU A 254 41.57 -23.51 12.02
CA LEU A 254 42.05 -22.87 13.24
C LEU A 254 41.39 -23.43 14.51
N GLU A 255 42.22 -23.81 15.47
CA GLU A 255 41.73 -24.20 16.79
C GLU A 255 42.17 -23.20 17.84
N GLU A 256 42.52 -23.73 19.00
CA GLU A 256 43.07 -22.91 20.07
C GLU A 256 44.34 -22.20 19.62
N ILE A 257 44.21 -20.97 19.17
CA ILE A 257 45.35 -20.23 18.64
C ILE A 257 45.79 -19.09 19.57
N LYS A 258 47.10 -18.85 19.64
CA LYS A 258 47.60 -17.71 20.39
C LYS A 258 47.13 -16.44 19.71
N LEU A 259 47.08 -15.35 20.46
CA LEU A 259 46.74 -14.06 19.91
C LEU A 259 47.73 -13.65 18.82
N SER A 260 48.94 -14.20 18.89
CA SER A 260 50.02 -13.81 17.99
C SER A 260 49.76 -14.18 16.53
N GLU A 261 49.55 -15.47 16.29
CA GLU A 261 49.33 -15.97 14.96
C GLU A 261 48.11 -15.31 14.31
N ILE A 262 46.95 -15.46 14.97
CA ILE A 262 45.71 -14.92 14.42
C ILE A 262 45.82 -13.42 14.11
N LEU A 263 46.44 -12.65 14.99
CA LEU A 263 46.56 -11.20 14.76
C LEU A 263 47.49 -10.93 13.59
N ALA A 264 48.42 -11.85 13.34
CA ALA A 264 49.30 -11.74 12.20
C ALA A 264 48.56 -12.17 10.93
N LEU A 265 47.90 -13.32 11.00
CA LEU A 265 47.09 -13.81 9.89
C LEU A 265 46.11 -12.73 9.41
N GLU A 266 45.66 -11.87 10.33
CA GLU A 266 44.75 -10.79 9.98
C GLU A 266 45.48 -9.65 9.28
N LYS A 267 46.79 -9.79 9.15
CA LYS A 267 47.53 -9.03 8.14
C LYS A 267 48.45 -9.96 7.36
N ASP A 268 47.90 -11.13 7.04
CA ASP A 268 48.21 -11.88 5.84
C ASP A 268 46.93 -11.65 5.09
N GLY A 269 46.09 -10.81 5.70
CA GLY A 269 44.74 -10.54 5.27
C GLY A 269 43.96 -11.82 5.01
N HIS A 270 44.17 -12.83 5.85
CA HIS A 270 43.61 -14.15 5.57
C HIS A 270 42.09 -14.22 5.65
N PHE A 271 41.46 -13.15 6.15
CA PHE A 271 40.03 -13.14 6.36
C PHE A 271 39.33 -11.96 5.70
N ALA A 272 40.11 -11.08 5.07
CA ALA A 272 39.62 -9.80 4.55
C ALA A 272 38.25 -9.87 3.89
N ALA A 273 38.25 -10.15 2.59
CA ALA A 273 37.04 -10.53 1.89
C ALA A 273 36.58 -11.85 2.47
N GLY A 274 35.40 -11.85 3.09
CA GLY A 274 34.88 -13.01 3.77
C GLY A 274 33.93 -12.62 4.87
N SER A 275 32.93 -13.47 5.07
CA SER A 275 31.96 -13.31 6.16
C SER A 275 32.64 -13.25 7.52
N MET A 276 33.88 -13.73 7.60
CA MET A 276 34.56 -13.92 8.88
C MET A 276 35.52 -12.78 9.24
N GLY A 277 35.63 -11.79 8.36
CA GLY A 277 36.49 -10.66 8.60
C GLY A 277 36.23 -10.00 9.93
N PRO A 278 35.06 -9.38 10.06
CA PRO A 278 34.76 -8.65 11.31
C PRO A 278 34.64 -9.64 12.48
N LYS A 279 34.24 -10.88 12.21
CA LYS A 279 34.16 -11.89 13.26
C LYS A 279 35.53 -12.12 13.90
N VAL A 280 36.56 -12.05 13.07
CA VAL A 280 37.90 -12.20 13.60
C VAL A 280 38.27 -10.93 14.37
N ARG A 281 38.11 -9.77 13.73
CA ARG A 281 38.45 -8.50 14.37
C ARG A 281 37.76 -8.37 15.72
N ALA A 282 36.48 -8.73 15.75
CA ALA A 282 35.70 -8.72 16.97
C ALA A 282 36.42 -9.53 18.04
N ALA A 283 36.68 -10.78 17.75
CA ALA A 283 37.34 -11.68 18.69
C ALA A 283 38.68 -11.11 19.18
N ILE A 284 39.57 -10.83 18.23
CA ILE A 284 40.85 -10.16 18.50
C ILE A 284 40.64 -8.93 19.37
N GLU A 285 39.79 -8.02 18.94
CA GLU A 285 39.52 -6.81 19.71
C GLU A 285 39.28 -7.13 21.18
N PHE A 286 38.54 -8.20 21.47
CA PHE A 286 38.18 -8.50 22.86
C PHE A 286 39.34 -9.18 23.61
N THR A 287 39.78 -10.32 23.12
CA THR A 287 40.95 -10.96 23.68
C THR A 287 42.06 -9.93 23.85
N GLN A 288 42.37 -9.21 22.78
CA GLN A 288 43.35 -8.14 22.81
C GLN A 288 43.14 -7.19 23.99
N ALA A 289 41.89 -6.90 24.33
CA ALA A 289 41.59 -5.85 25.31
C ALA A 289 41.42 -6.36 26.73
N THR A 290 41.19 -7.65 26.90
CA THR A 290 40.86 -8.18 28.21
C THR A 290 41.79 -9.32 28.62
N GLY A 291 42.48 -9.89 27.64
CA GLY A 291 43.33 -11.06 27.88
C GLY A 291 42.49 -12.31 28.02
N LYS A 292 41.18 -12.13 28.04
CA LYS A 292 40.25 -13.24 28.11
C LYS A 292 40.02 -13.95 26.79
N MET A 293 39.65 -15.23 26.87
CA MET A 293 39.44 -16.03 25.65
C MET A 293 38.22 -15.61 24.82
N SER A 294 38.39 -15.63 23.50
CA SER A 294 37.30 -15.44 22.56
C SER A 294 37.13 -16.71 21.73
N ILE A 295 35.93 -16.98 21.27
CA ILE A 295 35.68 -18.23 20.57
C ILE A 295 34.87 -17.97 19.31
N ILE A 296 35.17 -18.68 18.23
CA ILE A 296 34.35 -18.65 17.04
C ILE A 296 34.07 -20.08 16.67
N THR A 297 32.80 -20.47 16.66
CA THR A 297 32.47 -21.87 16.43
C THR A 297 31.01 -21.94 15.97
N SER A 298 30.47 -23.14 15.85
CA SER A 298 29.08 -23.31 15.47
C SER A 298 28.13 -23.36 16.67
N LEU A 299 26.86 -23.04 16.44
CA LEU A 299 25.83 -23.31 17.43
C LEU A 299 25.93 -24.74 17.94
N SER A 300 25.97 -25.69 17.02
CA SER A 300 26.10 -27.10 17.35
C SER A 300 27.14 -27.41 18.43
N THR A 301 28.29 -26.74 18.38
CA THR A 301 29.38 -27.10 19.27
C THR A 301 29.77 -26.01 20.25
N ALA A 302 28.77 -25.31 20.79
CA ALA A 302 29.02 -24.17 21.68
C ALA A 302 29.62 -24.55 23.05
N VAL A 303 28.95 -25.46 23.76
CA VAL A 303 29.46 -25.98 25.02
C VAL A 303 30.76 -26.72 24.83
N ASP A 304 30.80 -27.55 23.79
CA ASP A 304 32.02 -28.25 23.43
C ASP A 304 33.20 -27.29 23.36
N ALA A 305 33.04 -26.15 22.69
CA ALA A 305 34.14 -25.16 22.64
C ALA A 305 34.47 -24.47 23.98
N LEU A 306 33.50 -24.40 24.89
CA LEU A 306 33.76 -23.83 26.20
C LEU A 306 34.54 -24.82 27.06
N ASN A 307 34.35 -26.09 26.76
CA ASN A 307 35.08 -27.14 27.43
C ASN A 307 36.39 -27.49 26.73
N GLY A 308 36.83 -26.63 25.80
CA GLY A 308 38.07 -26.84 25.06
C GLY A 308 38.16 -28.06 24.13
N LYS A 309 37.06 -28.46 23.50
CA LYS A 309 37.01 -29.67 22.69
C LYS A 309 36.94 -29.39 21.18
N CYS A 310 36.77 -28.11 20.81
CA CYS A 310 36.70 -27.70 19.42
C CYS A 310 36.51 -26.20 19.27
N GLY A 311 36.28 -25.75 18.05
CA GLY A 311 36.07 -24.33 17.80
C GLY A 311 37.39 -23.62 17.73
N THR A 312 37.41 -22.51 17.01
CA THR A 312 38.52 -21.60 17.08
C THR A 312 38.40 -20.86 18.39
N ARG A 313 39.39 -21.03 19.27
CA ARG A 313 39.51 -20.20 20.45
C ARG A 313 40.81 -19.43 20.52
N ILE A 314 40.69 -18.12 20.36
CA ILE A 314 41.82 -17.21 20.43
C ILE A 314 42.20 -17.03 21.88
N ILE A 315 43.50 -17.02 22.14
CA ILE A 315 44.05 -17.03 23.51
C ILE A 315 45.10 -15.94 23.76
N LYS A 316 45.13 -15.41 24.99
CA LYS A 316 45.99 -14.29 25.35
C LYS A 316 47.47 -14.61 25.21
N ASP A 317 48.23 -13.56 25.00
CA ASP A 317 49.68 -13.70 24.95
C ASP A 317 50.34 -12.69 25.90
N MET B 2 17.14 5.18 43.37
CA MET B 2 17.56 5.42 44.76
C MET B 2 16.78 4.58 45.81
N SER B 3 17.54 4.00 46.74
CA SER B 3 17.11 2.81 47.48
C SER B 3 15.80 2.90 48.30
N ALA B 4 15.39 4.10 48.70
CA ALA B 4 14.32 4.23 49.70
C ALA B 4 12.94 4.62 49.17
N GLY B 5 12.86 5.03 47.90
CA GLY B 5 11.59 5.36 47.28
C GLY B 5 10.57 4.22 47.34
N LYS B 6 9.33 4.58 47.70
CA LYS B 6 8.17 3.77 47.34
C LYS B 6 8.06 3.51 45.81
N THR B 7 7.30 2.47 45.46
CA THR B 7 7.12 2.14 44.07
C THR B 7 5.73 2.54 43.52
N VAL B 8 5.77 3.32 42.45
CA VAL B 8 4.58 3.68 41.70
C VAL B 8 4.62 3.08 40.29
N VAL B 9 3.58 2.30 39.98
CA VAL B 9 3.42 1.71 38.66
C VAL B 9 2.44 2.58 37.86
N ILE B 10 2.93 3.16 36.76
CA ILE B 10 2.19 4.10 35.95
C ILE B 10 1.90 3.58 34.54
N ALA B 11 0.65 3.74 34.11
CA ALA B 11 0.22 3.37 32.77
C ALA B 11 0.00 4.60 31.88
N LEU B 12 0.92 4.88 30.98
CA LEU B 12 0.70 5.89 29.94
C LEU B 12 -0.40 5.47 28.96
N GLY B 13 -1.16 6.45 28.49
CA GLY B 13 -2.19 6.23 27.51
C GLY B 13 -1.73 6.50 26.08
N GLY B 14 -2.67 6.93 25.24
CA GLY B 14 -2.42 7.29 23.84
C GLY B 14 -1.83 8.69 23.78
N ASN B 15 -2.37 9.58 24.60
CA ASN B 15 -1.87 10.94 24.70
C ASN B 15 -0.35 11.00 24.85
N ALA B 16 0.20 9.97 25.46
CA ALA B 16 1.65 9.81 25.51
C ALA B 16 2.27 9.78 24.09
N MET B 17 1.48 9.39 23.09
CA MET B 17 1.97 9.18 21.72
C MET B 17 1.11 9.78 20.59
N LEU B 18 -0.17 9.44 20.56
CA LEU B 18 -1.08 10.00 19.57
C LEU B 18 -2.21 10.84 20.19
N GLN B 19 -2.28 12.10 19.76
CA GLN B 19 -3.40 12.98 20.11
C GLN B 19 -4.62 12.62 19.27
N ALA B 20 -5.68 13.40 19.46
CA ALA B 20 -6.82 13.36 18.56
C ALA B 20 -6.38 13.75 17.15
N LYS B 21 -6.83 12.97 16.17
CA LYS B 21 -6.72 13.40 14.78
C LYS B 21 -5.27 13.56 14.36
N GLU B 22 -4.36 12.99 15.14
CA GLU B 22 -2.96 13.02 14.75
C GLU B 22 -2.66 11.86 13.81
N LYS B 23 -1.73 12.11 12.90
CA LYS B 23 -1.27 11.05 12.00
C LYS B 23 0.00 10.48 12.59
N GLY B 24 0.09 9.16 12.51
CA GLY B 24 1.05 8.39 13.27
C GLY B 24 2.38 8.19 12.60
N ASP B 25 3.01 9.30 12.21
CA ASP B 25 4.41 9.22 11.81
C ASP B 25 5.27 9.33 13.06
N TYR B 26 6.53 8.93 12.93
CA TYR B 26 7.45 8.83 14.05
C TYR B 26 7.71 10.15 14.76
N ASP B 27 8.00 11.20 13.99
CA ASP B 27 8.27 12.53 14.55
C ASP B 27 7.16 13.02 15.48
N THR B 28 5.91 12.76 15.08
CA THR B 28 4.79 13.13 15.90
C THR B 28 4.74 12.38 17.22
N GLN B 29 4.93 11.06 17.16
CA GLN B 29 4.90 10.22 18.35
C GLN B 29 6.05 10.56 19.29
N ARG B 30 7.22 10.76 18.69
CA ARG B 30 8.43 11.12 19.41
C ARG B 30 8.22 12.33 20.32
N LYS B 31 7.70 13.40 19.74
CA LYS B 31 7.58 14.64 20.47
C LYS B 31 6.59 14.51 21.63
N ASN B 32 5.46 13.89 21.36
CA ASN B 32 4.53 13.49 22.40
C ASN B 32 5.18 12.69 23.56
N VAL B 33 5.93 11.64 23.22
CA VAL B 33 6.59 10.84 24.22
C VAL B 33 7.57 11.70 25.07
N GLU B 34 8.26 12.64 24.43
CA GLU B 34 9.15 13.53 25.15
C GLU B 34 8.37 14.37 26.16
N ILE B 35 7.13 14.71 25.83
CA ILE B 35 6.28 15.42 26.76
C ILE B 35 6.02 14.58 27.99
N ALA B 36 5.54 13.36 27.79
CA ALA B 36 5.26 12.48 28.90
C ALA B 36 6.52 12.33 29.76
N ALA B 37 7.65 11.99 29.11
CA ALA B 37 8.93 11.76 29.78
C ALA B 37 9.28 12.86 30.78
N SER B 38 9.19 14.11 30.35
CA SER B 38 9.57 15.18 31.25
C SER B 38 8.65 15.19 32.49
N GLU B 39 7.36 14.93 32.28
CA GLU B 39 6.44 14.73 33.42
C GLU B 39 6.91 13.59 34.32
N ILE B 40 7.09 12.41 33.73
CA ILE B 40 7.47 11.22 34.45
C ILE B 40 8.73 11.47 35.28
N TYR B 41 9.66 12.26 34.74
CA TYR B 41 10.94 12.49 35.40
C TYR B 41 10.78 13.18 36.77
N LYS B 42 9.89 14.15 36.83
CA LYS B 42 9.46 14.72 38.10
C LYS B 42 9.24 13.65 39.18
N ILE B 43 8.49 12.61 38.82
CA ILE B 43 8.18 11.59 39.79
C ILE B 43 9.42 10.88 40.29
N HIS B 44 10.32 10.61 39.35
CA HIS B 44 11.58 9.95 39.65
C HIS B 44 12.41 10.85 40.52
N LYS B 45 12.47 12.11 40.09
CA LYS B 45 13.21 13.14 40.81
C LYS B 45 12.64 13.31 42.20
N ALA B 46 11.34 13.11 42.33
CA ALA B 46 10.68 13.24 43.64
C ALA B 46 11.06 12.08 44.54
N GLY B 47 11.74 11.08 43.99
CA GLY B 47 12.21 9.96 44.78
C GLY B 47 11.45 8.67 44.62
N TYR B 48 10.43 8.63 43.76
CA TYR B 48 9.76 7.35 43.57
C TYR B 48 10.53 6.39 42.66
N LYS B 49 10.35 5.09 42.93
CA LYS B 49 10.78 4.05 42.02
C LYS B 49 9.66 3.89 41.02
N VAL B 50 10.02 3.87 39.74
CA VAL B 50 9.00 3.89 38.70
C VAL B 50 9.04 2.73 37.72
N VAL B 51 7.87 2.17 37.52
CA VAL B 51 7.61 1.25 36.44
C VAL B 51 6.63 1.97 35.52
N LEU B 52 7.06 2.21 34.29
CA LEU B 52 6.23 2.79 33.25
C LEU B 52 5.68 1.70 32.31
N THR B 53 4.37 1.72 32.09
CA THR B 53 3.78 0.90 31.04
C THR B 53 3.07 1.79 30.02
N SER B 54 2.49 1.16 28.99
CA SER B 54 1.66 1.90 28.05
C SER B 54 0.68 1.02 27.28
N GLY B 55 -0.24 1.67 26.58
CA GLY B 55 -1.04 1.05 25.53
C GLY B 55 -0.29 0.90 24.21
N ASN B 56 -0.90 0.21 23.26
CA ASN B 56 -0.27 0.11 21.96
C ASN B 56 -1.30 0.14 20.81
N GLY B 57 -2.55 0.42 21.16
CA GLY B 57 -3.65 0.43 20.19
C GLY B 57 -3.35 1.04 18.82
N PRO B 58 -2.99 2.33 18.80
CA PRO B 58 -2.65 2.85 17.47
C PRO B 58 -1.44 2.17 16.84
N GLN B 59 -0.45 1.88 17.67
CA GLN B 59 0.84 1.42 17.14
C GLN B 59 0.79 -0.02 16.62
N VAL B 60 0.25 -0.93 17.41
CA VAL B 60 0.13 -2.33 16.99
C VAL B 60 -0.85 -2.37 15.80
N GLY B 61 -1.83 -1.46 15.84
CA GLY B 61 -2.82 -1.37 14.78
C GLY B 61 -2.14 -1.05 13.47
N ALA B 62 -1.24 -0.07 13.51
CA ALA B 62 -0.51 0.32 12.34
C ALA B 62 0.38 -0.84 11.89
N ILE B 63 1.03 -1.50 12.84
CA ILE B 63 1.94 -2.59 12.44
C ILE B 63 1.12 -3.70 11.77
N LYS B 64 -0.06 -3.98 12.31
CA LYS B 64 -0.96 -4.99 11.74
C LYS B 64 -1.43 -4.60 10.34
N LEU B 65 -1.80 -3.34 10.17
CA LEU B 65 -2.23 -2.83 8.89
C LEU B 65 -1.08 -3.05 7.93
N GLN B 66 0.11 -2.72 8.37
CA GLN B 66 1.27 -2.86 7.51
C GLN B 66 1.56 -4.31 7.10
N ASN B 67 1.29 -5.27 7.97
CA ASN B 67 1.58 -6.66 7.65
C ASN B 67 0.58 -7.22 6.63
N GLN B 68 -0.69 -6.82 6.79
CA GLN B 68 -1.73 -7.18 5.84
C GLN B 68 -1.44 -6.63 4.45
N ALA B 69 -1.15 -5.34 4.39
CA ALA B 69 -0.97 -4.65 3.13
C ALA B 69 0.24 -5.09 2.34
N ALA B 70 1.22 -5.67 3.00
CA ALA B 70 2.45 -6.06 2.29
C ALA B 70 2.55 -7.57 2.19
N ALA B 71 1.46 -8.28 2.48
CA ALA B 71 1.48 -9.75 2.53
C ALA B 71 1.93 -10.38 1.22
N GLY B 72 1.93 -9.62 0.14
CA GLY B 72 2.37 -10.14 -1.14
C GLY B 72 3.82 -9.83 -1.46
N VAL B 73 4.47 -9.06 -0.60
CA VAL B 73 5.83 -8.56 -0.81
C VAL B 73 6.80 -9.07 0.29
N SER B 74 6.24 -9.48 1.43
CA SER B 74 7.01 -9.96 2.56
C SER B 74 6.10 -10.63 3.56
N PRO B 75 6.54 -11.79 4.12
CA PRO B 75 5.67 -12.59 5.00
C PRO B 75 4.99 -11.76 6.08
N GLU B 76 3.65 -11.86 6.08
CA GLU B 76 2.79 -11.26 7.10
C GLU B 76 2.93 -11.96 8.48
N MET B 77 3.21 -11.16 9.52
CA MET B 77 3.31 -11.68 10.87
C MET B 77 1.97 -11.68 11.59
N PRO B 78 1.74 -12.68 12.46
CA PRO B 78 0.56 -12.76 13.33
C PRO B 78 0.49 -11.60 14.33
N LEU B 79 -0.68 -11.37 14.92
CA LEU B 79 -0.90 -10.14 15.67
C LEU B 79 0.00 -10.05 16.90
N HIS B 80 0.23 -11.21 17.52
CA HIS B 80 1.05 -11.22 18.71
C HIS B 80 2.50 -10.84 18.39
N VAL B 81 2.95 -11.15 17.17
CA VAL B 81 4.26 -10.69 16.73
C VAL B 81 4.24 -9.18 16.47
N CYS B 82 3.13 -8.67 15.94
CA CYS B 82 3.03 -7.22 15.77
C CYS B 82 3.09 -6.58 17.16
N GLY B 83 2.48 -7.26 18.14
CA GLY B 83 2.57 -6.82 19.51
C GLY B 83 4.02 -6.64 19.94
N ALA B 84 4.78 -7.72 19.82
CA ALA B 84 6.22 -7.68 20.13
C ALA B 84 6.90 -6.51 19.43
N MET B 85 6.63 -6.36 18.13
CA MET B 85 7.14 -5.24 17.34
C MET B 85 6.81 -3.84 17.88
N SER B 86 5.57 -3.68 18.32
CA SER B 86 5.12 -2.41 18.89
C SER B 86 5.83 -2.12 20.22
N GLN B 87 6.18 -3.18 20.96
CA GLN B 87 6.94 -2.98 22.20
C GLN B 87 8.33 -2.47 21.85
N GLY B 88 8.93 -3.08 20.83
CA GLY B 88 10.23 -2.67 20.35
C GLY B 88 10.22 -1.19 20.09
N PHE B 89 9.25 -0.73 19.26
CA PHE B 89 9.05 0.69 18.89
C PHE B 89 8.74 1.66 20.07
N ILE B 90 7.70 1.36 20.85
CA ILE B 90 7.28 2.21 21.96
C ILE B 90 8.38 2.28 23.04
N GLY B 91 8.86 1.12 23.45
CA GLY B 91 9.98 1.04 24.38
C GLY B 91 11.19 1.86 23.94
N TYR B 92 11.44 1.86 22.65
CA TYR B 92 12.54 2.64 22.13
C TYR B 92 12.28 4.14 22.30
N MET B 93 11.09 4.62 21.94
CA MET B 93 10.82 6.06 21.98
C MET B 93 10.91 6.52 23.41
N MET B 94 10.31 5.71 24.28
CA MET B 94 10.15 5.97 25.68
C MET B 94 11.49 6.06 26.44
N SER B 95 12.29 5.00 26.33
CA SER B 95 13.55 4.96 27.06
C SER B 95 14.56 5.89 26.44
N GLN B 96 14.47 6.12 25.13
CA GLN B 96 15.35 7.14 24.57
C GLN B 96 14.91 8.52 25.07
N ALA B 97 13.62 8.71 25.24
CA ALA B 97 13.10 9.99 25.72
C ALA B 97 13.50 10.17 27.19
N MET B 98 13.16 9.17 28.00
CA MET B 98 13.57 9.16 29.39
C MET B 98 15.06 9.38 29.57
N ASP B 99 15.86 8.70 28.78
CA ASP B 99 17.30 8.91 28.86
C ASP B 99 17.66 10.38 28.61
N ASN B 100 16.90 11.06 27.75
CA ASN B 100 17.24 12.44 27.46
C ASN B 100 16.84 13.44 28.56
N VAL B 101 15.67 13.25 29.19
CA VAL B 101 15.38 14.03 30.38
C VAL B 101 16.50 13.82 31.43
N PHE B 102 16.85 12.57 31.70
CA PHE B 102 17.90 12.27 32.65
C PHE B 102 19.15 13.11 32.41
N CYS B 103 19.63 13.13 31.17
CA CYS B 103 20.89 13.76 30.80
C CYS B 103 20.82 15.29 30.78
N ALA B 104 19.70 15.81 30.29
CA ALA B 104 19.41 17.25 30.38
C ALA B 104 19.54 17.71 31.82
N ASN B 105 19.27 16.80 32.76
CA ASN B 105 19.36 17.04 34.20
C ASN B 105 20.63 16.46 34.81
N ASN B 106 21.63 16.21 33.98
CA ASN B 106 22.90 15.75 34.46
C ASN B 106 22.83 14.63 35.51
N GLU B 107 21.93 13.69 35.27
CA GLU B 107 21.87 12.47 36.07
C GLU B 107 22.07 11.36 35.05
N PRO B 108 23.05 10.47 35.29
CA PRO B 108 23.37 9.47 34.27
C PRO B 108 22.26 8.44 34.13
N ALA B 109 22.03 8.00 32.90
CA ALA B 109 20.91 7.14 32.61
C ALA B 109 20.99 5.78 33.29
N ASN B 110 19.86 5.37 33.87
CA ASN B 110 19.55 3.95 33.97
C ASN B 110 18.06 3.68 33.92
N CYS B 111 17.66 3.42 32.70
CA CYS B 111 16.31 3.16 32.32
C CYS B 111 16.41 2.05 31.27
N VAL B 112 15.52 1.06 31.35
CA VAL B 112 15.38 0.08 30.28
C VAL B 112 13.96 -0.21 29.93
N THR B 113 13.80 -0.77 28.76
CA THR B 113 12.56 -1.35 28.32
C THR B 113 12.73 -2.86 28.18
N CYS B 114 11.85 -3.60 28.83
CA CYS B 114 11.83 -5.05 28.73
C CYS B 114 10.69 -5.52 27.84
N VAL B 115 11.00 -6.43 26.93
CA VAL B 115 9.99 -7.14 26.18
C VAL B 115 9.23 -7.98 27.19
N THR B 116 7.91 -7.99 27.08
CA THR B 116 7.08 -8.58 28.09
C THR B 116 6.05 -9.50 27.52
N GLN B 117 6.00 -10.72 28.01
CA GLN B 117 4.89 -11.62 27.69
C GLN B 117 3.82 -11.66 28.79
N THR B 118 2.57 -11.83 28.39
CA THR B 118 1.46 -11.89 29.34
C THR B 118 0.57 -13.09 29.05
N LEU B 119 0.43 -13.95 30.04
CA LEU B 119 -0.40 -15.14 29.89
C LEU B 119 -1.88 -14.78 30.01
N VAL B 120 -2.67 -15.47 29.20
CA VAL B 120 -4.11 -15.32 29.15
C VAL B 120 -4.67 -16.71 28.86
N ASP B 121 -5.98 -16.86 28.93
CA ASP B 121 -6.65 -18.15 28.75
C ASP B 121 -7.20 -18.21 27.32
N PRO B 122 -6.79 -19.24 26.55
CA PRO B 122 -7.27 -19.31 25.17
C PRO B 122 -8.79 -19.47 25.14
N LYS B 123 -9.40 -19.82 26.28
CA LYS B 123 -10.84 -20.02 26.35
C LYS B 123 -11.63 -18.81 26.89
N ASP B 124 -10.96 -17.67 26.93
CA ASP B 124 -11.57 -16.39 27.28
C ASP B 124 -12.69 -16.02 26.30
N GLN B 125 -13.74 -15.36 26.79
CA GLN B 125 -14.82 -14.85 25.94
C GLN B 125 -14.28 -13.89 24.89
N ALA B 126 -13.15 -13.24 25.20
CA ALA B 126 -12.57 -12.24 24.31
C ALA B 126 -12.45 -12.75 22.88
N PHE B 127 -12.14 -14.03 22.75
CA PHE B 127 -11.79 -14.60 21.46
C PHE B 127 -13.00 -14.83 20.59
N THR B 128 -14.04 -15.40 21.18
CA THR B 128 -15.31 -15.53 20.48
C THR B 128 -15.90 -14.18 20.06
N ASN B 129 -15.47 -13.11 20.71
CA ASN B 129 -16.10 -11.80 20.55
C ASN B 129 -15.10 -10.64 20.64
N PRO B 130 -14.48 -10.28 19.50
CA PRO B 130 -13.50 -9.18 19.38
C PRO B 130 -14.12 -7.85 19.74
N THR B 131 -13.49 -7.07 20.62
CA THR B 131 -14.10 -5.80 20.99
C THR B 131 -13.08 -4.69 21.25
N LYS B 132 -11.79 -5.00 21.17
CA LYS B 132 -10.78 -3.98 21.40
C LYS B 132 -10.28 -3.26 20.10
N PRO B 133 -10.51 -1.94 20.05
CA PRO B 133 -10.15 -1.11 18.91
C PRO B 133 -8.65 -0.89 18.83
N VAL B 134 -8.07 -1.15 17.67
CA VAL B 134 -6.69 -0.79 17.39
C VAL B 134 -6.61 0.11 16.12
N GLY B 135 -5.41 0.60 15.76
CA GLY B 135 -5.18 1.41 14.57
C GLY B 135 -5.97 2.72 14.43
N ARG B 136 -6.07 3.23 13.20
CA ARG B 136 -6.71 4.53 12.96
C ARG B 136 -8.21 4.44 12.75
N PHE B 137 -8.86 5.60 12.86
CA PHE B 137 -10.32 5.73 12.67
C PHE B 137 -10.73 5.86 11.21
N TYR B 138 -11.70 5.05 10.79
CA TYR B 138 -12.31 5.18 9.47
C TYR B 138 -13.72 5.78 9.61
N THR B 139 -14.16 6.47 8.55
CA THR B 139 -15.55 6.91 8.49
C THR B 139 -16.38 5.67 8.35
N GLU B 140 -17.68 5.79 8.58
CA GLU B 140 -18.54 4.64 8.63
C GLU B 140 -18.58 3.90 7.29
N GLN B 141 -18.45 4.68 6.20
CA GLN B 141 -18.43 4.17 4.82
C GLN B 141 -17.24 3.27 4.63
N GLU B 142 -16.07 3.85 4.91
CA GLU B 142 -14.77 3.19 4.71
C GLU B 142 -14.77 1.84 5.39
N ALA B 143 -15.43 1.79 6.55
CA ALA B 143 -15.50 0.56 7.33
C ALA B 143 -16.38 -0.46 6.63
N LYS B 144 -17.50 0.02 6.09
CA LYS B 144 -18.41 -0.81 5.30
C LYS B 144 -17.60 -1.44 4.17
N ASP B 145 -17.05 -0.56 3.33
CA ASP B 145 -16.27 -0.97 2.17
C ASP B 145 -15.13 -1.90 2.59
N LEU B 146 -14.30 -1.42 3.50
CA LEU B 146 -13.17 -2.19 4.02
C LEU B 146 -13.53 -3.62 4.43
N MET B 147 -14.74 -3.77 5.00
CA MET B 147 -15.18 -5.06 5.51
C MET B 147 -15.64 -5.97 4.38
N ALA B 148 -16.32 -5.37 3.41
CA ALA B 148 -16.67 -6.09 2.18
C ALA B 148 -15.37 -6.66 1.58
N ALA B 149 -14.46 -5.75 1.25
CA ALA B 149 -13.15 -6.10 0.71
C ALA B 149 -12.33 -7.10 1.57
N ASN B 150 -12.57 -7.16 2.89
CA ASN B 150 -11.81 -8.05 3.79
C ASN B 150 -12.66 -8.85 4.78
N PRO B 151 -13.29 -9.94 4.31
CA PRO B 151 -14.33 -10.66 5.10
C PRO B 151 -14.00 -10.94 6.57
N GLY B 152 -12.85 -11.55 6.86
CA GLY B 152 -12.45 -11.84 8.24
C GLY B 152 -12.52 -10.64 9.19
N LYS B 153 -12.01 -9.50 8.74
CA LYS B 153 -11.94 -8.25 9.50
C LYS B 153 -13.28 -7.68 10.04
N ILE B 154 -13.27 -7.18 11.27
CA ILE B 154 -14.40 -6.47 11.86
C ILE B 154 -14.06 -5.06 12.33
N LEU B 155 -14.91 -4.09 11.97
CA LEU B 155 -14.79 -2.75 12.54
C LEU B 155 -16.02 -2.39 13.36
N ARG B 156 -15.83 -1.53 14.37
CA ARG B 156 -16.92 -1.03 15.21
C ARG B 156 -16.79 0.49 15.43
N GLU B 157 -17.93 1.17 15.65
CA GLU B 157 -17.91 2.58 16.04
C GLU B 157 -17.27 2.69 17.40
N ASP B 158 -16.50 3.73 17.61
CA ASP B 158 -15.69 3.81 18.81
C ASP B 158 -15.43 5.26 19.21
N ALA B 159 -15.43 5.52 20.53
CA ALA B 159 -15.16 6.85 21.08
C ALA B 159 -16.22 7.88 20.64
N GLY B 160 -17.32 7.39 20.08
CA GLY B 160 -18.39 8.24 19.62
C GLY B 160 -18.16 8.70 18.19
N ARG B 161 -16.93 8.98 17.85
CA ARG B 161 -16.63 9.38 16.48
C ARG B 161 -15.47 8.59 15.86
N GLY B 162 -15.84 7.52 15.15
CA GLY B 162 -14.89 6.72 14.41
C GLY B 162 -15.22 5.23 14.31
N TRP B 163 -14.86 4.64 13.17
CA TRP B 163 -14.90 3.21 13.07
C TRP B 163 -13.49 2.67 13.15
N ARG B 164 -13.34 1.53 13.82
CA ARG B 164 -12.00 0.98 14.00
C ARG B 164 -11.96 -0.55 13.92
N VAL B 165 -10.84 -1.08 13.41
CA VAL B 165 -10.60 -2.51 13.48
C VAL B 165 -10.63 -2.90 14.96
N VAL B 166 -11.01 -4.15 15.22
CA VAL B 166 -11.35 -4.60 16.56
C VAL B 166 -10.72 -5.98 16.80
N VAL B 167 -10.25 -6.27 18.02
CA VAL B 167 -9.58 -7.55 18.29
C VAL B 167 -9.90 -8.15 19.65
N PRO B 168 -9.66 -9.47 19.81
CA PRO B 168 -9.80 -10.11 21.12
C PRO B 168 -8.98 -9.41 22.20
N SER B 169 -9.58 -9.29 23.39
CA SER B 169 -8.93 -8.62 24.51
C SER B 169 -9.18 -9.43 25.78
N PRO B 170 -8.52 -10.58 25.86
CA PRO B 170 -8.70 -11.46 27.02
C PRO B 170 -8.05 -10.85 28.27
N ARG B 171 -8.50 -11.30 29.45
CA ARG B 171 -7.87 -10.94 30.73
C ARG B 171 -6.41 -11.32 30.82
N PRO B 172 -5.57 -10.43 31.35
CA PRO B 172 -4.18 -10.80 31.68
C PRO B 172 -4.08 -11.63 32.99
N LEU B 173 -3.36 -12.76 32.95
CA LEU B 173 -3.34 -13.65 34.09
C LEU B 173 -1.96 -13.76 34.75
N GLU B 174 -0.94 -13.25 34.09
CA GLU B 174 0.42 -13.61 34.47
C GLU B 174 1.46 -12.83 33.67
N ILE B 175 2.15 -11.91 34.32
CA ILE B 175 3.25 -11.18 33.71
C ILE B 175 4.53 -12.03 33.75
N VAL B 176 4.78 -12.75 32.67
CA VAL B 176 5.86 -13.73 32.61
C VAL B 176 7.20 -13.22 33.15
N GLU B 177 7.55 -11.97 32.90
CA GLU B 177 8.89 -11.53 33.27
C GLU B 177 8.87 -10.78 34.59
N TYR B 178 7.89 -11.12 35.42
CA TYR B 178 7.67 -10.44 36.70
C TYR B 178 8.91 -10.44 37.59
N GLY B 179 9.51 -11.62 37.75
CA GLY B 179 10.70 -11.76 38.56
C GLY B 179 11.81 -10.79 38.19
N VAL B 180 12.03 -10.61 36.89
CA VAL B 180 13.10 -9.75 36.44
C VAL B 180 12.75 -8.30 36.66
N ILE B 181 11.46 -7.97 36.46
CA ILE B 181 11.01 -6.59 36.58
C ILE B 181 11.23 -6.14 38.01
N LYS B 182 10.89 -7.03 38.96
CA LYS B 182 11.14 -6.73 40.36
C LYS B 182 12.63 -6.50 40.65
N THR B 183 13.44 -7.48 40.28
CA THR B 183 14.89 -7.36 40.42
C THR B 183 15.40 -5.99 39.97
N LEU B 184 14.94 -5.51 38.82
CA LEU B 184 15.39 -4.23 38.30
C LEU B 184 14.96 -3.03 39.17
N ILE B 185 13.72 -3.01 39.62
CA ILE B 185 13.28 -1.94 40.50
C ILE B 185 13.93 -2.06 41.88
N ASP B 186 14.16 -3.29 42.35
CA ASP B 186 14.91 -3.49 43.59
C ASP B 186 16.28 -2.85 43.46
N ASN B 187 16.81 -2.80 42.24
CA ASN B 187 18.11 -2.18 42.02
C ASN B 187 17.97 -0.78 41.53
N ASN B 188 16.78 -0.20 41.70
CA ASN B 188 16.54 1.20 41.35
C ASN B 188 16.70 1.51 39.86
N VAL B 189 16.18 0.64 39.01
CA VAL B 189 16.13 0.92 37.57
C VAL B 189 14.75 1.49 37.23
N LEU B 190 14.74 2.59 36.50
CA LEU B 190 13.51 3.06 35.88
C LEU B 190 13.14 2.02 34.82
N VAL B 191 12.11 1.23 35.08
CA VAL B 191 11.75 0.14 34.18
C VAL B 191 10.52 0.42 33.33
N ILE B 192 10.70 0.35 32.01
CA ILE B 192 9.61 0.34 31.02
C ILE B 192 9.31 -1.11 30.55
N CYS B 193 8.06 -1.54 30.59
CA CYS B 193 7.72 -2.91 30.25
C CYS B 193 6.22 -2.99 30.08
N THR B 194 5.69 -4.18 29.78
CA THR B 194 4.23 -4.35 29.63
C THR B 194 3.55 -3.35 28.64
N ASN B 195 4.33 -2.70 27.77
CA ASN B 195 3.81 -1.87 26.70
C ASN B 195 2.74 -2.58 25.87
N GLY B 196 1.59 -1.91 25.72
CA GLY B 196 0.46 -2.51 25.04
C GLY B 196 -0.15 -3.64 25.86
N GLY B 197 0.18 -3.70 27.13
CA GLY B 197 -0.34 -4.75 27.99
C GLY B 197 0.44 -6.06 27.99
N GLY B 198 1.54 -6.14 27.25
CA GLY B 198 2.33 -7.36 27.20
C GLY B 198 1.91 -8.25 26.03
N ILE B 199 2.83 -9.07 25.56
CA ILE B 199 2.57 -9.93 24.41
C ILE B 199 1.67 -11.11 24.78
N PRO B 200 0.46 -11.18 24.20
CA PRO B 200 -0.52 -12.17 24.65
C PRO B 200 -0.05 -13.57 24.32
N CYS B 201 0.09 -14.40 25.35
CA CYS B 201 0.51 -15.79 25.21
C CYS B 201 -0.36 -16.73 26.00
N LYS B 202 -0.29 -18.01 25.62
CA LYS B 202 -0.86 -19.08 26.41
C LYS B 202 0.24 -20.05 26.81
N ARG B 203 -0.04 -20.85 27.83
CA ARG B 203 0.85 -21.90 28.28
C ARG B 203 0.02 -23.16 28.40
N GLU B 204 0.40 -24.19 27.66
CA GLU B 204 -0.25 -25.49 27.73
C GLU B 204 0.89 -26.48 27.83
N ASN B 205 0.76 -27.49 28.68
CA ASN B 205 1.80 -28.50 28.76
C ASN B 205 3.19 -27.87 28.96
N LYS B 206 3.27 -26.76 29.70
CA LYS B 206 4.57 -26.13 29.98
C LYS B 206 5.26 -25.54 28.74
N VAL B 207 4.47 -25.12 27.77
CA VAL B 207 5.00 -24.40 26.63
C VAL B 207 4.26 -23.10 26.42
N ILE B 208 5.02 -22.00 26.41
CA ILE B 208 4.45 -20.69 26.13
C ILE B 208 4.45 -20.46 24.62
N SER B 209 3.30 -20.06 24.09
CA SER B 209 3.16 -19.63 22.71
C SER B 209 2.14 -18.50 22.60
N GLY B 210 2.31 -17.68 21.57
CA GLY B 210 1.53 -16.47 21.38
C GLY B 210 0.11 -16.71 20.91
N VAL B 211 -0.80 -15.84 21.35
CA VAL B 211 -2.16 -15.89 20.84
C VAL B 211 -2.50 -14.54 20.24
N ASP B 212 -3.39 -14.54 19.28
CA ASP B 212 -3.66 -13.35 18.51
C ASP B 212 -4.69 -12.47 19.19
N ALA B 213 -4.18 -11.41 19.82
CA ALA B 213 -4.94 -10.56 20.74
C ALA B 213 -4.16 -9.29 21.11
N VAL B 214 -4.85 -8.39 21.80
CA VAL B 214 -4.25 -7.19 22.39
C VAL B 214 -4.93 -7.00 23.73
N ILE B 215 -4.12 -7.13 24.78
CA ILE B 215 -4.61 -7.09 26.16
C ILE B 215 -4.89 -5.65 26.55
N ASP B 216 -5.85 -5.46 27.46
CA ASP B 216 -6.08 -4.15 28.02
C ASP B 216 -4.89 -3.80 28.86
N LYS B 217 -4.29 -2.66 28.58
CA LYS B 217 -3.10 -2.22 29.26
C LYS B 217 -3.35 -1.83 30.74
N ASP B 218 -4.54 -1.27 31.00
CA ASP B 218 -4.94 -0.95 32.38
C ASP B 218 -5.06 -2.18 33.26
N LEU B 219 -5.88 -3.14 32.87
CA LEU B 219 -5.91 -4.43 33.56
C LEU B 219 -4.51 -5.06 33.73
N ALA B 220 -3.74 -5.13 32.64
CA ALA B 220 -2.37 -5.64 32.73
C ALA B 220 -1.50 -4.89 33.72
N THR B 221 -1.57 -3.55 33.70
CA THR B 221 -0.78 -2.73 34.64
C THR B 221 -1.20 -2.97 36.10
N SER B 222 -2.49 -3.16 36.32
CA SER B 222 -3.02 -3.47 37.63
C SER B 222 -2.41 -4.79 38.11
N LEU B 223 -2.46 -5.81 37.26
CA LEU B 223 -1.91 -7.10 37.60
C LEU B 223 -0.44 -7.00 38.02
N LEU B 224 0.34 -6.28 37.23
CA LEU B 224 1.76 -6.13 37.51
C LEU B 224 1.95 -5.36 38.81
N ALA B 225 1.15 -4.33 39.02
CA ALA B 225 1.28 -3.53 40.24
C ALA B 225 1.00 -4.42 41.46
N LYS B 226 0.06 -5.35 41.31
CA LYS B 226 -0.32 -6.26 42.37
C LYS B 226 0.77 -7.29 42.62
N THR B 227 1.38 -7.76 41.54
CA THR B 227 2.36 -8.82 41.66
C THR B 227 3.61 -8.25 42.34
N LEU B 228 3.96 -7.02 41.92
CA LEU B 228 5.05 -6.23 42.48
C LEU B 228 4.81 -5.78 43.91
N ASN B 229 3.56 -5.88 44.38
CA ASN B 229 3.22 -5.22 45.63
C ASN B 229 3.69 -3.77 45.66
N SER B 230 3.34 -3.06 44.61
CA SER B 230 3.61 -1.65 44.45
C SER B 230 2.81 -0.80 45.46
N ASP B 231 3.30 0.42 45.70
CA ASP B 231 2.63 1.30 46.66
C ASP B 231 1.47 2.06 46.08
N TYR B 232 1.55 2.26 44.77
CA TYR B 232 0.59 3.00 44.02
C TYR B 232 0.44 2.39 42.62
N LEU B 233 -0.79 2.44 42.14
CA LEU B 233 -1.12 2.15 40.77
C LEU B 233 -1.53 3.50 40.21
N MET B 234 -0.89 3.94 39.13
CA MET B 234 -1.26 5.22 38.55
C MET B 234 -1.60 5.12 37.07
N ILE B 235 -2.87 5.36 36.75
CA ILE B 235 -3.35 5.37 35.37
C ILE B 235 -3.48 6.82 34.85
N LEU B 236 -2.86 7.07 33.70
CA LEU B 236 -2.80 8.40 33.10
C LEU B 236 -3.69 8.51 31.89
N THR B 237 -4.21 9.71 31.73
CA THR B 237 -5.14 10.03 30.66
C THR B 237 -4.97 11.53 30.31
N ASP B 238 -5.92 12.06 29.53
CA ASP B 238 -6.00 13.50 29.27
C ASP B 238 -7.26 14.02 29.96
N VAL B 239 -8.23 13.11 30.11
CA VAL B 239 -9.39 13.33 30.95
C VAL B 239 -8.88 13.73 32.34
N LEU B 240 -9.05 15.02 32.64
CA LEU B 240 -8.80 15.63 33.95
C LEU B 240 -8.88 14.68 35.17
N ASN B 241 -9.91 13.85 35.14
CA ASN B 241 -10.48 13.25 36.33
C ASN B 241 -11.53 12.28 35.83
N ALA B 242 -12.05 11.45 36.74
CA ALA B 242 -13.21 10.65 36.40
C ALA B 242 -14.48 11.37 36.85
N CYS B 243 -15.32 11.70 35.88
CA CYS B 243 -16.55 12.44 36.14
C CYS B 243 -17.77 11.58 35.82
N ILE B 244 -18.70 11.49 36.77
CA ILE B 244 -20.02 10.94 36.49
C ILE B 244 -21.07 12.03 36.15
N ASN B 245 -21.60 11.96 34.92
CA ASN B 245 -22.55 12.91 34.36
C ASN B 245 -21.91 14.26 34.02
N TYR B 246 -21.08 14.34 32.99
CA TYR B 246 -20.40 15.61 32.76
C TYR B 246 -20.92 16.31 31.48
N LYS B 247 -21.23 17.59 31.62
CA LYS B 247 -22.15 18.30 30.72
C LYS B 247 -23.59 17.79 30.98
N LYS B 248 -23.99 17.93 32.23
CA LYS B 248 -25.25 17.43 32.77
C LYS B 248 -25.22 17.92 34.19
N PRO B 249 -26.01 18.98 34.48
CA PRO B 249 -26.01 19.87 35.66
C PRO B 249 -25.66 19.22 37.01
N ASP B 250 -26.07 17.97 37.18
CA ASP B 250 -25.84 17.19 38.40
C ASP B 250 -24.48 16.47 38.41
N GLU B 251 -23.56 16.94 37.56
CA GLU B 251 -22.23 16.35 37.43
C GLU B 251 -21.53 16.03 38.77
N ARG B 252 -20.94 14.83 38.85
CA ARG B 252 -20.24 14.41 40.06
C ARG B 252 -18.83 13.95 39.70
N LYS B 253 -17.85 14.81 39.86
CA LYS B 253 -16.46 14.45 39.50
C LYS B 253 -15.66 13.79 40.64
N LEU B 254 -15.65 12.46 40.64
CA LEU B 254 -14.89 11.66 41.59
C LEU B 254 -13.49 12.21 41.91
N GLU B 255 -13.23 12.41 43.20
CA GLU B 255 -11.92 12.84 43.66
C GLU B 255 -11.33 11.72 44.50
N GLU B 256 -10.92 12.05 45.72
CA GLU B 256 -10.70 11.01 46.71
C GLU B 256 -12.02 10.23 46.84
N ILE B 257 -11.94 8.94 47.15
CA ILE B 257 -13.14 8.11 47.33
C ILE B 257 -12.85 6.68 47.80
N LYS B 258 -13.75 6.12 48.62
CA LYS B 258 -13.55 4.79 49.16
C LYS B 258 -13.86 3.67 48.19
N LEU B 259 -13.37 2.48 48.51
CA LEU B 259 -13.54 1.31 47.65
C LEU B 259 -15.01 0.98 47.50
N SER B 260 -15.62 0.55 48.60
CA SER B 260 -17.02 0.14 48.61
C SER B 260 -17.94 1.15 47.91
N GLU B 261 -17.69 2.44 48.10
CA GLU B 261 -18.49 3.45 47.42
C GLU B 261 -18.41 3.35 45.90
N ILE B 262 -17.23 3.63 45.36
CA ILE B 262 -17.02 3.52 43.93
C ILE B 262 -17.28 2.09 43.47
N LEU B 263 -17.06 1.13 44.37
CA LEU B 263 -17.39 -0.24 44.04
C LEU B 263 -18.84 -0.32 43.55
N ALA B 264 -19.78 0.18 44.36
CA ALA B 264 -21.20 0.05 44.04
C ALA B 264 -21.74 0.97 42.93
N LEU B 265 -20.94 1.94 42.46
CA LEU B 265 -21.34 2.74 41.30
C LEU B 265 -21.13 1.95 40.02
N GLU B 266 -20.04 1.20 40.01
CA GLU B 266 -19.71 0.30 38.91
C GLU B 266 -20.77 -0.79 38.82
N LYS B 267 -21.33 -1.12 39.96
CA LYS B 267 -22.41 -2.09 40.04
C LYS B 267 -23.69 -1.47 39.48
N ASP B 268 -23.74 -0.14 39.49
CA ASP B 268 -24.92 0.58 39.04
C ASP B 268 -24.74 1.12 37.64
N GLY B 269 -23.63 0.73 37.02
CA GLY B 269 -23.36 1.01 35.62
C GLY B 269 -22.95 2.42 35.29
N HIS B 270 -22.48 3.18 36.28
CA HIS B 270 -22.11 4.57 36.05
C HIS B 270 -20.97 4.77 35.04
N PHE B 271 -20.04 3.83 35.01
CA PHE B 271 -19.00 3.89 33.99
C PHE B 271 -19.25 2.84 32.93
N ALA B 272 -20.52 2.58 32.65
CA ALA B 272 -20.95 1.56 31.68
C ALA B 272 -20.42 1.83 30.27
N ALA B 273 -20.28 3.11 29.92
CA ALA B 273 -19.71 3.48 28.62
C ALA B 273 -18.40 4.24 28.76
N GLY B 274 -17.84 4.62 27.62
CA GLY B 274 -16.60 5.36 27.59
C GLY B 274 -15.41 4.51 27.99
N SER B 275 -14.24 5.15 27.96
CA SER B 275 -12.95 4.52 28.21
C SER B 275 -12.72 4.17 29.68
N MET B 276 -13.50 4.78 30.56
CA MET B 276 -13.23 4.79 31.99
C MET B 276 -13.68 3.50 32.68
N GLY B 277 -14.51 2.71 32.02
CA GLY B 277 -15.00 1.49 32.62
C GLY B 277 -13.91 0.54 33.07
N PRO B 278 -13.04 0.14 32.14
CA PRO B 278 -11.93 -0.77 32.47
C PRO B 278 -10.83 -0.09 33.29
N LYS B 279 -10.77 1.24 33.27
CA LYS B 279 -9.78 1.93 34.09
C LYS B 279 -10.13 1.83 35.57
N VAL B 280 -11.39 2.10 35.88
CA VAL B 280 -11.90 1.96 37.25
C VAL B 280 -11.86 0.51 37.71
N ARG B 281 -12.29 -0.39 36.85
CA ARG B 281 -12.30 -1.81 37.15
C ARG B 281 -10.92 -2.29 37.60
N ALA B 282 -9.90 -1.82 36.87
CA ALA B 282 -8.52 -2.20 37.12
C ALA B 282 -8.03 -1.53 38.39
N ALA B 283 -8.44 -0.29 38.59
CA ALA B 283 -8.07 0.45 39.80
C ALA B 283 -8.67 -0.22 41.02
N ILE B 284 -9.91 -0.68 40.88
CA ILE B 284 -10.62 -1.35 41.96
C ILE B 284 -9.89 -2.63 42.30
N GLU B 285 -9.50 -3.36 41.24
CA GLU B 285 -8.88 -4.66 41.45
C GLU B 285 -7.58 -4.53 42.25
N PHE B 286 -6.85 -3.46 41.99
CA PHE B 286 -5.60 -3.22 42.69
C PHE B 286 -5.86 -2.97 44.18
N THR B 287 -6.67 -1.98 44.48
CA THR B 287 -6.92 -1.55 45.85
C THR B 287 -7.65 -2.63 46.68
N GLN B 288 -8.56 -3.36 46.05
CA GLN B 288 -9.24 -4.50 46.68
C GLN B 288 -8.26 -5.56 47.16
N ALA B 289 -7.25 -5.83 46.34
CA ALA B 289 -6.33 -6.91 46.61
C ALA B 289 -5.27 -6.46 47.61
N THR B 290 -4.75 -5.25 47.41
CA THR B 290 -3.55 -4.81 48.10
C THR B 290 -3.83 -3.75 49.15
N GLY B 291 -4.99 -3.11 49.05
CA GLY B 291 -5.31 -2.02 49.95
C GLY B 291 -4.60 -0.72 49.62
N LYS B 292 -3.62 -0.76 48.74
CA LYS B 292 -2.89 0.46 48.38
C LYS B 292 -3.74 1.35 47.47
N MET B 293 -3.41 2.63 47.48
CA MET B 293 -4.12 3.60 46.64
C MET B 293 -3.94 3.40 45.13
N SER B 294 -5.05 3.46 44.39
CA SER B 294 -4.97 3.64 42.94
C SER B 294 -5.40 5.06 42.57
N ILE B 295 -5.05 5.48 41.37
CA ILE B 295 -5.12 6.88 41.00
C ILE B 295 -5.40 7.01 39.51
N ILE B 296 -6.41 7.79 39.14
CA ILE B 296 -6.73 8.07 37.73
C ILE B 296 -6.72 9.61 37.53
N THR B 297 -5.84 10.08 36.66
CA THR B 297 -5.57 11.52 36.54
C THR B 297 -4.90 11.82 35.24
N SER B 298 -4.79 13.10 34.94
CA SER B 298 -4.15 13.50 33.70
C SER B 298 -2.65 13.46 33.90
N LEU B 299 -1.96 13.23 32.79
CA LEU B 299 -0.52 13.32 32.72
C LEU B 299 -0.02 14.58 33.43
N SER B 300 -0.58 15.72 33.08
CA SER B 300 -0.13 17.01 33.64
C SER B 300 -0.20 17.09 35.18
N THR B 301 -1.11 16.35 35.78
CA THR B 301 -1.28 16.42 37.22
C THR B 301 -0.87 15.14 37.95
N ALA B 302 0.11 14.42 37.41
CA ALA B 302 0.55 13.17 38.00
C ALA B 302 1.23 13.35 39.37
N VAL B 303 2.20 14.26 39.42
CA VAL B 303 2.89 14.50 40.67
C VAL B 303 1.92 15.08 41.70
N ASP B 304 1.05 15.98 41.23
CA ASP B 304 -0.05 16.54 42.01
C ASP B 304 -0.88 15.46 42.70
N ALA B 305 -1.24 14.45 41.94
CA ALA B 305 -2.02 13.34 42.47
C ALA B 305 -1.29 12.58 43.57
N LEU B 306 -0.05 12.17 43.32
CA LEU B 306 0.77 11.47 44.30
C LEU B 306 0.83 12.28 45.60
N ASN B 307 0.85 13.59 45.45
CA ASN B 307 0.87 14.52 46.57
C ASN B 307 -0.51 14.81 47.17
N GLY B 308 -1.40 13.81 47.08
CA GLY B 308 -2.72 13.82 47.69
C GLY B 308 -3.60 15.02 47.43
N LYS B 309 -3.27 15.80 46.40
CA LYS B 309 -3.94 17.07 46.18
C LYS B 309 -4.88 17.08 44.95
N CYS B 310 -5.05 15.95 44.25
CA CYS B 310 -6.06 15.92 43.19
C CYS B 310 -6.28 14.58 42.54
N GLY B 311 -6.97 14.60 41.42
CA GLY B 311 -7.28 13.40 40.67
C GLY B 311 -8.14 12.42 41.44
N THR B 312 -8.70 11.47 40.71
CA THR B 312 -9.48 10.42 41.35
C THR B 312 -8.47 9.53 42.02
N ARG B 313 -8.56 9.48 43.35
CA ARG B 313 -7.73 8.63 44.19
C ARG B 313 -8.62 7.61 44.91
N ILE B 314 -8.52 6.34 44.50
CA ILE B 314 -9.32 5.29 45.14
C ILE B 314 -8.59 4.72 46.32
N ILE B 315 -9.33 4.51 47.40
CA ILE B 315 -8.77 4.23 48.69
C ILE B 315 -9.47 3.01 49.28
N LYS B 316 -8.75 2.26 50.11
CA LYS B 316 -9.37 1.14 50.81
C LYS B 316 -10.29 1.63 51.91
N ASP B 317 -11.27 0.81 52.27
CA ASP B 317 -12.15 1.16 53.38
C ASP B 317 -11.40 0.97 54.70
N MET C 2 -29.74 10.67 -36.20
CA MET C 2 -31.03 11.08 -36.81
C MET C 2 -30.88 12.21 -37.83
N SER C 3 -30.98 11.87 -39.11
CA SER C 3 -30.42 12.66 -40.23
C SER C 3 -30.82 14.15 -40.35
N ALA C 4 -32.05 14.51 -39.98
CA ALA C 4 -32.56 15.88 -40.13
C ALA C 4 -32.16 16.80 -38.96
N GLY C 5 -31.90 16.18 -37.81
CA GLY C 5 -31.59 16.88 -36.57
C GLY C 5 -30.43 17.85 -36.55
N LYS C 6 -30.65 18.98 -35.88
CA LYS C 6 -29.59 19.90 -35.50
C LYS C 6 -28.74 19.29 -34.37
N THR C 7 -27.61 19.93 -34.09
CA THR C 7 -26.68 19.41 -33.10
C THR C 7 -26.64 20.21 -31.82
N VAL C 8 -26.78 19.52 -30.71
CA VAL C 8 -26.61 20.17 -29.45
C VAL C 8 -25.48 19.47 -28.72
N VAL C 9 -24.52 20.27 -28.26
CA VAL C 9 -23.46 19.79 -27.40
C VAL C 9 -23.78 20.06 -25.92
N ILE C 10 -23.96 18.98 -25.18
CA ILE C 10 -24.37 19.03 -23.78
C ILE C 10 -23.25 18.64 -22.77
N ALA C 11 -22.87 19.60 -21.92
CA ALA C 11 -21.91 19.41 -20.83
C ALA C 11 -22.61 19.06 -19.52
N LEU C 12 -22.66 17.78 -19.18
CA LEU C 12 -23.18 17.37 -17.87
C LEU C 12 -22.33 17.90 -16.69
N GLY C 13 -22.94 18.00 -15.51
CA GLY C 13 -22.22 18.43 -14.32
C GLY C 13 -22.18 17.39 -13.21
N GLY C 14 -21.41 17.70 -12.16
CA GLY C 14 -21.25 16.82 -11.01
C GLY C 14 -22.50 16.07 -10.57
N ASN C 15 -23.67 16.68 -10.71
CA ASN C 15 -24.92 15.98 -10.38
C ASN C 15 -25.38 14.89 -11.40
N ALA C 16 -24.59 14.72 -12.46
CA ALA C 16 -24.71 13.54 -13.34
C ALA C 16 -24.27 12.25 -12.64
N MET C 17 -23.39 12.40 -11.64
CA MET C 17 -22.78 11.26 -10.97
C MET C 17 -22.79 11.39 -9.45
N LEU C 18 -22.60 12.61 -8.95
CA LEU C 18 -22.68 12.90 -7.51
C LEU C 18 -23.72 13.93 -7.12
N GLN C 19 -24.56 13.55 -6.16
CA GLN C 19 -25.46 14.47 -5.45
C GLN C 19 -24.74 15.07 -4.24
N ALA C 20 -24.80 16.40 -4.09
CA ALA C 20 -24.13 17.10 -2.97
C ALA C 20 -23.95 16.20 -1.74
N LYS C 21 -22.69 15.91 -1.40
CA LYS C 21 -22.37 15.06 -0.24
C LYS C 21 -22.93 13.64 -0.37
N GLU C 22 -22.67 12.98 -1.50
CA GLU C 22 -22.90 11.54 -1.67
C GLU C 22 -21.55 10.86 -1.91
N LYS C 23 -21.39 9.65 -1.38
CA LYS C 23 -20.15 8.92 -1.54
C LYS C 23 -20.05 8.19 -2.90
N GLY C 24 -18.82 8.03 -3.38
CA GLY C 24 -18.57 7.71 -4.77
C GLY C 24 -18.40 6.24 -4.99
N ASP C 25 -19.39 5.49 -4.52
CA ASP C 25 -19.41 4.09 -4.83
C ASP C 25 -20.06 3.90 -6.20
N TYR C 26 -19.71 2.80 -6.84
CA TYR C 26 -20.18 2.50 -8.16
C TYR C 26 -21.67 2.72 -8.34
N ASP C 27 -22.45 1.93 -7.60
CA ASP C 27 -23.92 1.96 -7.65
C ASP C 27 -24.59 3.29 -7.32
N THR C 28 -23.97 4.11 -6.47
CA THR C 28 -24.47 5.45 -6.28
C THR C 28 -24.40 6.25 -7.58
N GLN C 29 -23.21 6.32 -8.15
CA GLN C 29 -23.00 7.08 -9.38
C GLN C 29 -23.85 6.47 -10.51
N ARG C 30 -23.92 5.14 -10.56
CA ARG C 30 -24.67 4.45 -11.58
C ARG C 30 -26.08 5.02 -11.61
N LYS C 31 -26.77 4.93 -10.49
CA LYS C 31 -28.16 5.38 -10.49
C LYS C 31 -28.31 6.83 -10.90
N ASN C 32 -27.45 7.72 -10.43
CA ASN C 32 -27.46 9.10 -10.86
C ASN C 32 -27.25 9.28 -12.37
N VAL C 33 -26.27 8.60 -12.93
CA VAL C 33 -26.12 8.55 -14.37
C VAL C 33 -27.42 8.11 -15.07
N GLU C 34 -28.10 7.12 -14.51
CA GLU C 34 -29.34 6.65 -15.13
C GLU C 34 -30.39 7.75 -15.20
N ILE C 35 -30.54 8.51 -14.13
CA ILE C 35 -31.41 9.71 -14.14
C ILE C 35 -31.01 10.62 -15.30
N ALA C 36 -29.75 11.07 -15.29
CA ALA C 36 -29.24 11.89 -16.40
C ALA C 36 -29.56 11.26 -17.77
N ALA C 37 -29.40 9.95 -17.88
CA ALA C 37 -29.57 9.29 -19.17
C ALA C 37 -30.99 9.45 -19.70
N SER C 38 -31.97 9.40 -18.81
CA SER C 38 -33.35 9.43 -19.28
C SER C 38 -33.81 10.86 -19.69
N GLU C 39 -33.22 11.88 -19.08
CA GLU C 39 -33.43 13.24 -19.55
C GLU C 39 -32.72 13.55 -20.87
N ILE C 40 -31.51 13.01 -21.04
CA ILE C 40 -30.75 13.24 -22.27
C ILE C 40 -31.46 12.55 -23.43
N TYR C 41 -32.18 11.49 -23.10
CA TYR C 41 -32.91 10.76 -24.10
C TYR C 41 -34.08 11.56 -24.66
N LYS C 42 -34.69 12.41 -23.85
CA LYS C 42 -35.80 13.24 -24.30
C LYS C 42 -35.34 14.16 -25.44
N ILE C 43 -34.17 14.77 -25.26
CA ILE C 43 -33.57 15.59 -26.28
C ILE C 43 -33.38 14.83 -27.61
N HIS C 44 -32.79 13.64 -27.49
CA HIS C 44 -32.62 12.75 -28.64
C HIS C 44 -33.94 12.23 -29.23
N LYS C 45 -34.96 12.04 -28.39
CA LYS C 45 -36.29 11.65 -28.87
C LYS C 45 -36.90 12.81 -29.62
N ALA C 46 -36.64 14.02 -29.13
CA ALA C 46 -37.14 15.23 -29.77
C ALA C 46 -36.59 15.31 -31.20
N GLY C 47 -35.60 14.48 -31.51
CA GLY C 47 -35.00 14.42 -32.82
C GLY C 47 -33.67 15.15 -32.98
N TYR C 48 -33.17 15.78 -31.91
CA TYR C 48 -31.82 16.39 -31.86
C TYR C 48 -30.70 15.36 -31.85
N LYS C 49 -29.55 15.76 -32.39
CA LYS C 49 -28.35 14.92 -32.40
C LYS C 49 -27.42 15.34 -31.28
N VAL C 50 -27.18 14.41 -30.37
CA VAL C 50 -26.54 14.80 -29.13
C VAL C 50 -25.05 14.48 -29.04
N VAL C 51 -24.30 15.46 -28.57
CA VAL C 51 -22.94 15.25 -28.14
C VAL C 51 -22.82 15.63 -26.70
N LEU C 52 -22.32 14.68 -25.91
CA LEU C 52 -22.32 14.71 -24.45
C LEU C 52 -20.93 14.74 -23.84
N THR C 53 -20.60 15.82 -23.14
CA THR C 53 -19.40 15.83 -22.31
C THR C 53 -19.78 15.85 -20.83
N SER C 54 -18.78 16.01 -19.96
CA SER C 54 -19.03 16.00 -18.53
C SER C 54 -17.80 16.41 -17.74
N GLY C 55 -17.93 16.40 -16.40
CA GLY C 55 -16.82 16.60 -15.48
C GLY C 55 -16.18 15.27 -15.04
N ASN C 56 -15.06 15.34 -14.35
CA ASN C 56 -14.48 14.14 -13.79
C ASN C 56 -13.89 14.41 -12.44
N GLY C 57 -14.09 15.63 -11.92
CA GLY C 57 -13.59 16.03 -10.60
C GLY C 57 -13.45 14.93 -9.53
N PRO C 58 -14.58 14.45 -9.05
CA PRO C 58 -14.66 13.36 -8.07
C PRO C 58 -14.05 12.04 -8.57
N GLN C 59 -14.34 11.69 -9.82
CA GLN C 59 -13.93 10.40 -10.36
C GLN C 59 -12.40 10.33 -10.53
N VAL C 60 -11.80 11.38 -11.08
CA VAL C 60 -10.35 11.40 -11.30
C VAL C 60 -9.57 11.58 -9.98
N GLY C 61 -10.14 12.37 -9.08
CA GLY C 61 -9.53 12.57 -7.76
C GLY C 61 -9.39 11.28 -6.99
N ALA C 62 -10.48 10.49 -6.96
CA ALA C 62 -10.50 9.18 -6.36
C ALA C 62 -9.39 8.27 -6.94
N ILE C 63 -9.37 8.13 -8.25
CA ILE C 63 -8.38 7.30 -8.93
C ILE C 63 -6.97 7.72 -8.58
N LYS C 64 -6.71 9.03 -8.62
CA LYS C 64 -5.41 9.52 -8.25
C LYS C 64 -5.14 9.04 -6.84
N LEU C 65 -6.17 9.19 -6.03
CA LEU C 65 -6.03 8.88 -4.61
C LEU C 65 -5.76 7.39 -4.45
N GLN C 66 -6.49 6.52 -5.17
CA GLN C 66 -6.18 5.12 -5.06
C GLN C 66 -4.77 4.93 -5.59
N ASN C 67 -4.37 5.66 -6.61
CA ASN C 67 -3.02 5.44 -7.12
C ASN C 67 -1.93 5.76 -6.10
N GLN C 68 -2.14 6.80 -5.31
CA GLN C 68 -1.19 7.12 -4.23
C GLN C 68 -1.26 6.12 -3.07
N ALA C 69 -2.47 5.79 -2.64
CA ALA C 69 -2.69 4.88 -1.53
C ALA C 69 -1.98 3.56 -1.76
N ALA C 70 -2.03 3.06 -3.00
CA ALA C 70 -1.41 1.77 -3.28
C ALA C 70 -0.04 1.88 -3.92
N ALA C 71 0.60 3.04 -3.83
CA ALA C 71 1.89 3.26 -4.49
C ALA C 71 2.96 2.23 -4.14
N GLY C 72 2.91 1.70 -2.92
CA GLY C 72 4.01 0.86 -2.48
C GLY C 72 3.80 -0.53 -2.97
N VAL C 73 2.61 -0.77 -3.49
CA VAL C 73 2.27 -2.12 -3.89
C VAL C 73 1.99 -2.21 -5.40
N SER C 74 1.89 -1.05 -6.04
CA SER C 74 1.60 -1.02 -7.47
C SER C 74 2.02 0.34 -8.04
N PRO C 75 2.73 0.33 -9.18
CA PRO C 75 3.27 1.59 -9.74
C PRO C 75 2.18 2.67 -9.88
N GLU C 76 2.47 3.82 -9.29
CA GLU C 76 1.51 4.91 -9.29
C GLU C 76 1.53 5.60 -10.66
N MET C 77 0.36 5.71 -11.28
CA MET C 77 0.19 6.38 -12.56
C MET C 77 0.09 7.90 -12.41
N PRO C 78 0.68 8.66 -13.36
CA PRO C 78 0.57 10.13 -13.25
C PRO C 78 -0.86 10.63 -13.45
N LEU C 79 -1.09 11.92 -13.18
CA LEU C 79 -2.46 12.43 -13.20
C LEU C 79 -3.13 12.36 -14.58
N HIS C 80 -2.37 12.56 -15.66
CA HIS C 80 -2.97 12.51 -17.00
C HIS C 80 -3.50 11.11 -17.32
N VAL C 81 -2.83 10.09 -16.82
CA VAL C 81 -3.30 8.70 -16.92
C VAL C 81 -4.55 8.39 -16.05
N CYS C 82 -4.62 8.98 -14.86
CA CYS C 82 -5.82 8.82 -14.04
C CYS C 82 -6.99 9.45 -14.79
N GLY C 83 -6.69 10.52 -15.52
CA GLY C 83 -7.64 11.07 -16.47
C GLY C 83 -8.20 10.01 -17.41
N ALA C 84 -7.30 9.32 -18.13
CA ALA C 84 -7.71 8.37 -19.14
C ALA C 84 -8.59 7.32 -18.52
N MET C 85 -8.20 6.90 -17.31
CA MET C 85 -8.99 5.94 -16.53
C MET C 85 -10.39 6.42 -16.21
N SER C 86 -10.58 7.70 -15.95
CA SER C 86 -11.93 8.20 -15.58
C SER C 86 -12.88 8.29 -16.77
N GLN C 87 -12.34 8.76 -17.88
CA GLN C 87 -13.07 8.69 -19.13
C GLN C 87 -13.53 7.23 -19.36
N GLY C 88 -12.62 6.28 -19.15
CA GLY C 88 -13.00 4.88 -19.20
C GLY C 88 -14.22 4.63 -18.31
N PHE C 89 -14.09 4.96 -17.03
CA PHE C 89 -15.12 4.73 -16.04
C PHE C 89 -16.44 5.48 -16.34
N ILE C 90 -16.35 6.78 -16.60
CA ILE C 90 -17.55 7.60 -16.80
C ILE C 90 -18.34 7.35 -18.11
N GLY C 91 -17.61 7.16 -19.21
CA GLY C 91 -18.24 6.78 -20.48
C GLY C 91 -18.83 5.38 -20.40
N TYR C 92 -18.20 4.48 -19.67
CA TYR C 92 -18.81 3.20 -19.45
C TYR C 92 -20.24 3.40 -18.86
N MET C 93 -20.33 4.25 -17.84
CA MET C 93 -21.58 4.53 -17.13
C MET C 93 -22.61 5.26 -17.97
N MET C 94 -22.17 6.31 -18.63
CA MET C 94 -23.00 7.05 -19.57
C MET C 94 -23.55 6.17 -20.69
N SER C 95 -22.65 5.44 -21.34
CA SER C 95 -23.00 4.76 -22.59
C SER C 95 -23.86 3.56 -22.28
N GLN C 96 -23.49 2.82 -21.24
CA GLN C 96 -24.34 1.75 -20.73
C GLN C 96 -25.74 2.25 -20.32
N ALA C 97 -25.80 3.33 -19.55
CA ALA C 97 -27.09 3.92 -19.16
C ALA C 97 -27.86 4.35 -20.39
N MET C 98 -27.14 5.00 -21.31
CA MET C 98 -27.73 5.45 -22.55
C MET C 98 -28.31 4.34 -23.42
N ASP C 99 -27.60 3.22 -23.54
CA ASP C 99 -28.12 2.08 -24.29
C ASP C 99 -29.31 1.52 -23.55
N ASN C 100 -29.28 1.59 -22.24
CA ASN C 100 -30.39 1.04 -21.49
C ASN C 100 -31.72 1.80 -21.76
N VAL C 101 -31.73 3.14 -21.60
CA VAL C 101 -32.89 3.97 -21.95
C VAL C 101 -33.43 3.67 -23.37
N PHE C 102 -32.53 3.74 -24.35
CA PHE C 102 -32.81 3.41 -25.72
C PHE C 102 -33.64 2.15 -25.78
N CYS C 103 -33.13 1.12 -25.13
CA CYS C 103 -33.74 -0.19 -25.21
C CYS C 103 -35.12 -0.18 -24.56
N ALA C 104 -35.28 0.64 -23.54
CA ALA C 104 -36.53 0.68 -22.82
C ALA C 104 -37.64 1.24 -23.69
N ASN C 105 -37.26 2.22 -24.52
CA ASN C 105 -38.16 2.81 -25.52
C ASN C 105 -38.10 2.04 -26.85
N ASN C 106 -37.57 0.83 -26.81
CA ASN C 106 -37.50 0.01 -27.99
C ASN C 106 -36.70 0.60 -29.17
N GLU C 107 -35.76 1.50 -28.88
CA GLU C 107 -34.74 1.94 -29.83
C GLU C 107 -33.42 1.13 -29.73
N PRO C 108 -32.83 0.80 -30.89
CA PRO C 108 -31.57 0.06 -30.91
C PRO C 108 -30.42 1.02 -30.67
N ALA C 109 -29.40 0.54 -29.98
CA ALA C 109 -28.39 1.45 -29.50
C ALA C 109 -27.38 1.70 -30.56
N ASN C 110 -27.28 2.94 -31.03
CA ASN C 110 -25.96 3.41 -31.45
C ASN C 110 -25.55 4.65 -30.66
N CYS C 111 -24.63 4.42 -29.74
CA CYS C 111 -24.10 5.44 -28.87
C CYS C 111 -22.69 4.95 -28.49
N VAL C 112 -21.74 5.87 -28.32
CA VAL C 112 -20.39 5.49 -27.89
C VAL C 112 -19.64 6.54 -27.16
N THR C 113 -18.73 6.08 -26.33
CA THR C 113 -17.75 6.96 -25.73
C THR C 113 -16.41 6.89 -26.45
N CYS C 114 -15.87 8.07 -26.76
CA CYS C 114 -14.53 8.18 -27.29
C CYS C 114 -13.54 8.70 -26.28
N VAL C 115 -12.44 7.97 -26.10
CA VAL C 115 -11.29 8.48 -25.37
C VAL C 115 -10.79 9.75 -26.07
N THR C 116 -10.53 10.77 -25.27
CA THR C 116 -10.40 12.13 -25.76
C THR C 116 -9.17 12.80 -25.19
N GLN C 117 -8.31 13.30 -26.07
CA GLN C 117 -7.20 14.09 -25.61
C GLN C 117 -7.44 15.55 -25.90
N THR C 118 -6.90 16.43 -25.06
CA THR C 118 -7.03 17.86 -25.30
C THR C 118 -5.70 18.53 -25.20
N LEU C 119 -5.25 19.11 -26.30
CA LEU C 119 -4.01 19.88 -26.29
C LEU C 119 -4.09 21.19 -25.49
N VAL C 120 -3.03 21.45 -24.71
CA VAL C 120 -2.91 22.72 -23.99
C VAL C 120 -1.56 23.39 -24.28
N ASP C 121 -1.33 24.55 -23.67
CA ASP C 121 -0.17 25.38 -23.96
C ASP C 121 0.83 25.37 -22.81
N PRO C 122 2.07 24.90 -23.05
CA PRO C 122 3.07 24.75 -21.98
C PRO C 122 3.44 26.09 -21.35
N LYS C 123 3.20 27.16 -22.09
CA LYS C 123 3.47 28.51 -21.59
C LYS C 123 2.30 29.10 -20.79
N ASP C 124 1.20 28.36 -20.74
CA ASP C 124 0.03 28.80 -19.98
C ASP C 124 0.38 29.09 -18.50
N GLN C 125 0.00 30.29 -18.06
CA GLN C 125 0.24 30.80 -16.70
C GLN C 125 -0.16 29.79 -15.64
N ALA C 126 -1.19 29.01 -15.94
CA ALA C 126 -1.74 28.06 -14.99
C ALA C 126 -0.69 27.08 -14.48
N PHE C 127 0.34 26.83 -15.29
CA PHE C 127 1.40 25.89 -14.94
C PHE C 127 2.33 26.47 -13.88
N THR C 128 2.32 27.80 -13.76
CA THR C 128 3.20 28.49 -12.83
C THR C 128 2.51 28.77 -11.51
N ASN C 129 1.24 28.41 -11.43
CA ASN C 129 0.41 28.76 -10.28
C ASN C 129 -0.71 27.74 -10.12
N PRO C 130 -0.33 26.46 -9.93
CA PRO C 130 -1.29 25.36 -9.90
C PRO C 130 -2.33 25.58 -8.79
N THR C 131 -3.61 25.62 -9.15
CA THR C 131 -4.66 25.89 -8.16
C THR C 131 -5.22 24.61 -7.47
N LYS C 132 -5.22 23.48 -8.17
CA LYS C 132 -6.05 22.33 -7.74
C LYS C 132 -5.34 21.25 -6.93
N PRO C 133 -5.84 21.00 -5.69
CA PRO C 133 -5.33 19.92 -4.83
C PRO C 133 -5.99 18.58 -5.19
N VAL C 134 -5.21 17.51 -5.26
CA VAL C 134 -5.77 16.25 -5.73
C VAL C 134 -5.26 14.99 -5.04
N GLY C 135 -6.17 14.03 -4.86
CA GLY C 135 -5.85 12.77 -4.25
C GLY C 135 -5.63 12.76 -2.73
N ARG C 136 -4.52 12.12 -2.36
CA ARG C 136 -4.23 11.71 -0.98
C ARG C 136 -3.75 12.84 -0.05
N PHE C 137 -4.10 12.73 1.22
CA PHE C 137 -3.53 13.61 2.24
C PHE C 137 -2.21 13.05 2.76
N TYR C 138 -1.17 13.87 2.68
CA TYR C 138 0.19 13.45 3.05
C TYR C 138 0.64 14.02 4.39
N THR C 139 1.40 13.22 5.12
CA THR C 139 2.21 13.72 6.22
C THR C 139 3.12 14.81 5.66
N GLU C 140 3.20 15.91 6.38
CA GLU C 140 4.07 17.02 6.02
C GLU C 140 5.50 16.53 5.80
N GLN C 141 5.84 15.43 6.45
CA GLN C 141 7.14 14.88 6.21
C GLN C 141 7.21 14.13 4.89
N GLU C 142 6.18 13.34 4.58
CA GLU C 142 6.11 12.58 3.30
C GLU C 142 6.08 13.52 2.11
N ALA C 143 5.37 14.63 2.29
CA ALA C 143 5.32 15.72 1.32
C ALA C 143 6.70 16.35 1.12
N LYS C 144 7.29 16.79 2.23
CA LYS C 144 8.63 17.41 2.27
C LYS C 144 9.68 16.65 1.44
N ASP C 145 9.49 15.33 1.30
CA ASP C 145 10.45 14.49 0.60
C ASP C 145 9.95 13.95 -0.73
N LEU C 146 8.63 13.91 -0.90
CA LEU C 146 8.06 13.57 -2.20
C LEU C 146 8.54 14.59 -3.22
N MET C 147 8.62 15.85 -2.79
CA MET C 147 9.15 16.93 -3.61
C MET C 147 10.66 16.78 -3.82
N ALA C 148 11.33 16.11 -2.90
CA ALA C 148 12.76 15.82 -3.02
C ALA C 148 13.02 14.87 -4.18
N ALA C 149 12.05 14.00 -4.48
CA ALA C 149 12.16 13.03 -5.57
C ALA C 149 11.70 13.57 -6.94
N ASN C 150 10.54 14.23 -6.97
CA ASN C 150 9.89 14.71 -8.20
C ASN C 150 10.03 16.21 -8.44
N PRO C 151 11.25 16.71 -8.71
CA PRO C 151 11.54 18.15 -8.77
C PRO C 151 10.35 19.04 -9.15
N GLY C 152 9.61 18.67 -10.21
CA GLY C 152 8.46 19.45 -10.65
C GLY C 152 7.29 19.52 -9.68
N LYS C 153 7.14 18.49 -8.85
CA LYS C 153 5.98 18.31 -7.96
C LYS C 153 5.74 19.45 -6.94
N ILE C 154 4.45 19.75 -6.74
CA ILE C 154 4.04 20.77 -5.78
C ILE C 154 2.94 20.23 -4.86
N LEU C 155 3.23 20.21 -3.56
CA LEU C 155 2.27 19.86 -2.51
C LEU C 155 1.99 21.06 -1.62
N ARG C 156 0.72 21.29 -1.28
CA ARG C 156 0.34 22.34 -0.33
C ARG C 156 -0.49 21.80 0.85
N GLU C 157 -0.36 22.43 2.02
CA GLU C 157 -1.19 22.03 3.17
C GLU C 157 -2.66 22.25 2.80
N ASP C 158 -3.50 21.29 3.18
CA ASP C 158 -4.91 21.35 2.79
C ASP C 158 -5.83 21.03 3.97
N ALA C 159 -6.83 21.88 4.15
CA ALA C 159 -7.88 21.77 5.20
C ALA C 159 -7.46 21.19 6.58
N GLY C 160 -6.31 21.62 7.10
CA GLY C 160 -5.77 21.09 8.34
C GLY C 160 -5.45 19.61 8.24
N ARG C 161 -6.16 18.92 7.34
CA ARG C 161 -6.05 17.47 7.19
C ARG C 161 -4.69 16.97 6.69
N GLY C 162 -3.80 17.90 6.33
CA GLY C 162 -2.44 17.54 5.99
C GLY C 162 -1.94 18.13 4.69
N TRP C 163 -1.18 17.34 3.95
CA TRP C 163 -0.58 17.82 2.71
C TRP C 163 -1.08 17.14 1.44
N ARG C 164 -1.09 17.90 0.34
CA ARG C 164 -1.63 17.41 -0.92
C ARG C 164 -0.96 18.01 -2.18
N VAL C 165 -0.84 17.18 -3.21
CA VAL C 165 -0.32 17.60 -4.51
C VAL C 165 -1.21 18.66 -5.17
N VAL C 166 -0.61 19.60 -5.88
CA VAL C 166 -1.39 20.68 -6.50
C VAL C 166 -1.14 20.83 -8.02
N VAL C 167 -2.23 20.96 -8.79
CA VAL C 167 -2.17 20.86 -10.27
C VAL C 167 -2.79 22.02 -11.06
N PRO C 168 -2.14 22.37 -12.19
CA PRO C 168 -2.59 23.44 -13.10
C PRO C 168 -3.92 23.10 -13.77
N SER C 169 -4.74 24.13 -13.96
CA SER C 169 -5.92 24.03 -14.82
C SER C 169 -5.74 24.97 -16.00
N PRO C 170 -4.95 24.55 -17.01
CA PRO C 170 -4.64 25.42 -18.14
C PRO C 170 -5.82 25.50 -19.08
N ARG C 171 -5.74 26.45 -20.00
CA ARG C 171 -6.81 26.63 -20.96
C ARG C 171 -6.72 25.63 -22.10
N PRO C 172 -7.83 24.94 -22.42
CA PRO C 172 -7.91 23.97 -23.52
C PRO C 172 -7.66 24.65 -24.87
N LEU C 173 -6.78 24.09 -25.70
CA LEU C 173 -6.58 24.63 -27.05
C LEU C 173 -7.23 23.78 -28.16
N GLU C 174 -7.23 22.46 -28.03
CA GLU C 174 -7.71 21.61 -29.12
C GLU C 174 -8.13 20.20 -28.73
N ILE C 175 -9.27 19.75 -29.23
CA ILE C 175 -9.67 18.37 -29.05
C ILE C 175 -9.02 17.57 -30.17
N VAL C 176 -8.12 16.66 -29.80
CA VAL C 176 -7.37 15.88 -30.78
C VAL C 176 -8.31 15.05 -31.67
N GLU C 177 -9.37 14.52 -31.08
CA GLU C 177 -10.31 13.64 -31.77
C GLU C 177 -11.52 14.34 -32.50
N TYR C 178 -11.57 15.67 -32.47
CA TYR C 178 -12.64 16.41 -33.18
C TYR C 178 -13.16 15.78 -34.47
N GLY C 179 -12.25 15.49 -35.39
CA GLY C 179 -12.60 15.01 -36.72
C GLY C 179 -13.33 13.68 -36.70
N VAL C 180 -13.07 12.86 -35.67
CA VAL C 180 -13.70 11.56 -35.52
C VAL C 180 -15.08 11.74 -34.93
N ILE C 181 -15.17 12.60 -33.90
CA ILE C 181 -16.45 13.03 -33.29
C ILE C 181 -17.43 13.61 -34.34
N LYS C 182 -16.95 14.49 -35.21
CA LYS C 182 -17.75 14.98 -36.33
C LYS C 182 -18.30 13.84 -37.21
N THR C 183 -17.40 13.07 -37.79
CA THR C 183 -17.79 11.83 -38.44
C THR C 183 -18.87 11.03 -37.70
N LEU C 184 -18.73 10.85 -36.40
CA LEU C 184 -19.70 10.06 -35.67
C LEU C 184 -21.06 10.74 -35.69
N ILE C 185 -21.08 12.07 -35.53
CA ILE C 185 -22.38 12.77 -35.45
C ILE C 185 -23.04 12.88 -36.82
N ASP C 186 -22.25 13.27 -37.82
CA ASP C 186 -22.68 13.21 -39.21
C ASP C 186 -23.39 11.92 -39.50
N ASN C 187 -23.04 10.87 -38.79
CA ASN C 187 -23.66 9.59 -38.97
C ASN C 187 -24.70 9.25 -37.93
N ASN C 188 -25.09 10.23 -37.12
CA ASN C 188 -26.23 10.05 -36.20
C ASN C 188 -25.93 9.16 -34.97
N VAL C 189 -24.67 9.19 -34.53
CA VAL C 189 -24.29 8.44 -33.36
C VAL C 189 -24.34 9.40 -32.18
N LEU C 190 -24.97 8.96 -31.09
CA LEU C 190 -24.94 9.72 -29.81
C LEU C 190 -23.52 9.57 -29.26
N VAL C 191 -22.76 10.65 -29.29
CA VAL C 191 -21.35 10.59 -28.90
C VAL C 191 -21.15 11.07 -27.49
N ILE C 192 -20.38 10.30 -26.72
CA ILE C 192 -19.98 10.70 -25.37
C ILE C 192 -18.47 10.84 -25.35
N CYS C 193 -17.97 12.07 -25.26
CA CYS C 193 -16.53 12.33 -25.33
C CYS C 193 -16.10 13.45 -24.41
N THR C 194 -14.79 13.68 -24.27
CA THR C 194 -14.28 14.81 -23.50
C THR C 194 -14.82 14.87 -22.04
N ASN C 195 -14.76 13.72 -21.38
CA ASN C 195 -15.08 13.62 -19.97
C ASN C 195 -13.95 14.13 -19.09
N GLY C 196 -14.28 15.09 -18.24
CA GLY C 196 -13.28 15.79 -17.46
C GLY C 196 -12.48 16.76 -18.31
N GLY C 197 -13.00 17.11 -19.48
CA GLY C 197 -12.37 18.12 -20.31
C GLY C 197 -11.40 17.53 -21.31
N GLY C 198 -11.24 16.22 -21.30
CA GLY C 198 -10.18 15.60 -22.09
C GLY C 198 -8.91 15.45 -21.28
N ILE C 199 -8.04 14.58 -21.75
CA ILE C 199 -6.76 14.27 -21.13
C ILE C 199 -5.78 15.36 -21.51
N PRO C 200 -5.26 16.07 -20.52
CA PRO C 200 -4.47 17.25 -20.87
C PRO C 200 -3.17 16.82 -21.48
N CYS C 201 -2.85 17.41 -22.62
CA CYS C 201 -1.64 17.08 -23.35
C CYS C 201 -1.01 18.31 -24.01
N LYS C 202 0.23 18.13 -24.42
CA LYS C 202 0.85 19.09 -25.27
C LYS C 202 1.50 18.38 -26.45
N ARG C 203 1.92 19.19 -27.40
CA ARG C 203 2.49 18.68 -28.63
C ARG C 203 3.64 19.61 -29.00
N GLU C 204 4.86 19.11 -28.95
CA GLU C 204 6.05 19.87 -29.28
C GLU C 204 6.90 19.08 -30.29
N ASN C 205 7.10 19.65 -31.49
CA ASN C 205 7.86 18.95 -32.53
C ASN C 205 7.22 17.60 -32.86
N LYS C 206 5.98 17.64 -33.38
CA LYS C 206 5.24 16.45 -33.87
C LYS C 206 4.86 15.34 -32.84
N VAL C 207 4.98 15.62 -31.55
CA VAL C 207 4.77 14.60 -30.50
C VAL C 207 3.84 15.12 -29.43
N ILE C 208 2.81 14.33 -29.13
CA ILE C 208 1.85 14.62 -28.06
C ILE C 208 2.22 13.89 -26.76
N SER C 209 2.30 14.66 -25.68
CA SER C 209 2.64 14.09 -24.38
C SER C 209 1.58 14.44 -23.42
N GLY C 210 1.25 13.51 -22.55
CA GLY C 210 0.37 13.81 -21.44
C GLY C 210 1.06 14.81 -20.53
N VAL C 211 0.26 15.67 -19.89
CA VAL C 211 0.76 16.59 -18.87
C VAL C 211 -0.17 16.46 -17.68
N ASP C 212 0.37 16.66 -16.49
CA ASP C 212 -0.43 16.49 -15.29
C ASP C 212 -1.21 17.76 -15.01
N ALA C 213 -2.51 17.72 -15.32
CA ALA C 213 -3.38 18.86 -15.07
C ALA C 213 -4.85 18.48 -15.10
N VAL C 214 -5.70 19.47 -14.94
CA VAL C 214 -7.12 19.29 -15.17
C VAL C 214 -7.60 20.40 -16.08
N ILE C 215 -8.53 20.09 -16.97
CA ILE C 215 -9.08 21.11 -17.84
C ILE C 215 -10.52 21.38 -17.44
N ASP C 216 -10.88 22.66 -17.31
CA ASP C 216 -12.27 23.00 -17.07
C ASP C 216 -13.18 22.38 -18.15
N LYS C 217 -14.00 21.44 -17.73
CA LYS C 217 -14.91 20.75 -18.64
C LYS C 217 -15.68 21.74 -19.52
N ASP C 218 -16.08 22.87 -18.95
CA ASP C 218 -16.94 23.84 -19.66
C ASP C 218 -16.22 24.55 -20.81
N LEU C 219 -15.04 25.10 -20.54
CA LEU C 219 -14.26 25.70 -21.59
C LEU C 219 -13.98 24.68 -22.71
N ALA C 220 -13.63 23.45 -22.33
CA ALA C 220 -13.28 22.45 -23.32
C ALA C 220 -14.48 22.10 -24.20
N THR C 221 -15.67 22.13 -23.61
CA THR C 221 -16.89 21.68 -24.26
C THR C 221 -17.30 22.75 -25.23
N SER C 222 -17.18 23.99 -24.78
CA SER C 222 -17.35 25.13 -25.65
C SER C 222 -16.40 25.00 -26.84
N LEU C 223 -15.11 24.73 -26.57
CA LEU C 223 -14.14 24.59 -27.63
C LEU C 223 -14.64 23.53 -28.62
N LEU C 224 -15.12 22.42 -28.09
CA LEU C 224 -15.53 21.37 -28.98
C LEU C 224 -16.69 21.89 -29.82
N ALA C 225 -17.68 22.45 -29.13
CA ALA C 225 -18.91 22.97 -29.71
C ALA C 225 -18.67 23.95 -30.84
N LYS C 226 -17.65 24.79 -30.72
CA LYS C 226 -17.34 25.73 -31.77
C LYS C 226 -16.65 25.07 -32.97
N THR C 227 -15.59 24.29 -32.70
CA THR C 227 -14.95 23.45 -33.73
C THR C 227 -15.99 22.63 -34.49
N LEU C 228 -16.92 22.04 -33.77
CA LEU C 228 -17.98 21.26 -34.41
C LEU C 228 -18.96 22.16 -35.16
N ASN C 229 -18.92 23.46 -34.86
CA ASN C 229 -19.90 24.41 -35.38
C ASN C 229 -21.35 23.96 -35.13
N SER C 230 -21.62 23.50 -33.91
CA SER C 230 -22.93 22.95 -33.61
C SER C 230 -24.00 24.02 -33.47
N ASP C 231 -25.23 23.57 -33.34
CA ASP C 231 -26.35 24.48 -33.37
C ASP C 231 -26.52 25.07 -31.99
N TYR C 232 -26.35 24.22 -30.97
CA TYR C 232 -26.47 24.72 -29.61
C TYR C 232 -25.39 24.21 -28.69
N LEU C 233 -25.01 25.05 -27.74
CA LEU C 233 -24.19 24.64 -26.60
C LEU C 233 -25.00 24.76 -25.32
N MET C 234 -25.34 23.65 -24.68
CA MET C 234 -25.96 23.66 -23.32
C MET C 234 -24.98 23.27 -22.22
N ILE C 235 -24.82 24.12 -21.22
CA ILE C 235 -24.19 23.67 -19.99
C ILE C 235 -25.30 23.29 -19.01
N LEU C 236 -25.25 22.07 -18.48
CA LEU C 236 -26.23 21.65 -17.47
C LEU C 236 -25.69 21.74 -16.05
N THR C 237 -26.51 22.23 -15.14
CA THR C 237 -26.07 22.35 -13.75
C THR C 237 -27.35 22.21 -12.91
N ASP C 238 -27.30 22.31 -11.58
CA ASP C 238 -28.55 22.21 -10.79
C ASP C 238 -29.25 23.53 -10.50
N VAL C 239 -28.65 24.64 -10.93
CA VAL C 239 -29.34 25.92 -10.97
C VAL C 239 -30.17 26.05 -12.26
N LEU C 240 -31.49 26.14 -12.12
CA LEU C 240 -32.39 26.39 -13.25
C LEU C 240 -31.85 27.58 -14.04
N ASN C 241 -31.29 28.54 -13.31
CA ASN C 241 -30.77 29.74 -13.92
C ASN C 241 -29.46 30.18 -13.31
N ALA C 242 -28.70 30.93 -14.10
CA ALA C 242 -27.74 31.87 -13.54
C ALA C 242 -28.56 33.08 -13.09
N CYS C 243 -28.27 33.56 -11.88
CA CYS C 243 -28.98 34.69 -11.33
C CYS C 243 -28.04 35.86 -11.20
N ILE C 244 -28.51 36.91 -10.53
CA ILE C 244 -27.70 38.08 -10.25
C ILE C 244 -28.15 38.60 -8.90
N ASN C 245 -27.20 38.77 -7.97
CA ASN C 245 -27.54 39.22 -6.63
C ASN C 245 -28.39 38.20 -5.89
N TYR C 246 -27.87 36.99 -5.78
CA TYR C 246 -28.55 35.89 -5.08
C TYR C 246 -28.72 36.23 -3.60
N LYS C 247 -29.62 35.53 -2.94
CA LYS C 247 -29.91 35.81 -1.53
C LYS C 247 -30.16 37.30 -1.35
N LYS C 248 -30.86 37.94 -2.29
CA LYS C 248 -31.04 39.39 -2.21
C LYS C 248 -32.30 39.93 -2.87
N PRO C 249 -32.76 41.10 -2.39
CA PRO C 249 -33.90 41.94 -2.82
C PRO C 249 -34.08 42.07 -4.33
N ASP C 250 -33.04 42.54 -5.02
CA ASP C 250 -33.06 42.79 -6.48
C ASP C 250 -32.31 41.72 -7.28
N GLU C 251 -32.69 40.47 -7.02
CA GLU C 251 -32.09 39.32 -7.68
C GLU C 251 -32.82 38.98 -8.98
N ARG C 252 -32.40 39.59 -10.09
CA ARG C 252 -32.91 39.21 -11.41
C ARG C 252 -32.28 37.88 -11.85
N LYS C 253 -33.14 36.93 -12.22
CA LYS C 253 -32.69 35.68 -12.82
C LYS C 253 -32.59 35.86 -14.34
N LEU C 254 -31.47 35.41 -14.90
CA LEU C 254 -31.28 35.55 -16.33
C LEU C 254 -32.06 34.50 -17.12
N GLU C 255 -32.91 34.98 -18.02
CA GLU C 255 -33.56 34.13 -18.99
C GLU C 255 -32.95 34.40 -20.37
N GLU C 256 -33.77 34.34 -21.40
CA GLU C 256 -33.33 34.77 -22.72
C GLU C 256 -32.66 36.14 -22.56
N ILE C 257 -31.36 36.21 -22.87
CA ILE C 257 -30.58 37.44 -22.74
C ILE C 257 -29.56 37.68 -23.90
N LYS C 258 -29.54 38.88 -24.46
CA LYS C 258 -28.67 39.21 -25.58
C LYS C 258 -27.21 39.10 -25.16
N LEU C 259 -26.34 38.74 -26.09
CA LEU C 259 -24.90 38.66 -25.82
C LEU C 259 -24.40 39.95 -25.21
N SER C 260 -25.03 41.05 -25.63
CA SER C 260 -24.61 42.40 -25.26
C SER C 260 -24.67 42.59 -23.74
N GLU C 261 -25.86 42.33 -23.19
CA GLU C 261 -26.14 42.43 -21.76
C GLU C 261 -25.17 41.57 -20.94
N ILE C 262 -25.21 40.27 -21.23
CA ILE C 262 -24.36 39.28 -20.57
C ILE C 262 -22.87 39.63 -20.62
N LEU C 263 -22.39 40.17 -21.74
CA LEU C 263 -20.97 40.46 -21.89
C LEU C 263 -20.54 41.60 -20.96
N ALA C 264 -21.45 42.54 -20.72
CA ALA C 264 -21.22 43.62 -19.77
C ALA C 264 -21.35 43.12 -18.33
N LEU C 265 -22.50 42.52 -18.01
CA LEU C 265 -22.71 41.90 -16.72
C LEU C 265 -21.54 41.00 -16.31
N GLU C 266 -20.98 40.28 -17.28
CA GLU C 266 -19.80 39.45 -17.03
C GLU C 266 -18.64 40.30 -16.57
N LYS C 267 -18.32 41.31 -17.37
CA LYS C 267 -17.28 42.26 -17.03
C LYS C 267 -17.72 43.24 -15.94
N ASP C 268 -18.95 43.05 -15.43
CA ASP C 268 -19.45 43.77 -14.25
C ASP C 268 -19.10 43.01 -12.96
N GLY C 269 -18.28 41.97 -13.12
CA GLY C 269 -17.89 41.11 -12.02
C GLY C 269 -19.06 40.40 -11.38
N HIS C 270 -20.17 40.30 -12.11
CA HIS C 270 -21.38 39.74 -11.52
C HIS C 270 -21.36 38.22 -11.35
N PHE C 271 -20.38 37.57 -11.98
CA PHE C 271 -20.31 36.10 -11.98
C PHE C 271 -19.01 35.51 -11.44
N ALA C 272 -18.01 36.37 -11.21
CA ALA C 272 -16.65 35.94 -10.86
C ALA C 272 -16.55 35.26 -9.50
N ALA C 273 -17.66 35.15 -8.78
CA ALA C 273 -17.66 34.43 -7.52
C ALA C 273 -17.92 32.92 -7.66
N GLY C 274 -17.02 32.22 -8.35
CA GLY C 274 -17.00 30.75 -8.30
C GLY C 274 -17.70 29.97 -9.40
N SER C 275 -18.54 29.02 -8.98
CA SER C 275 -19.14 28.00 -9.86
C SER C 275 -19.59 28.50 -11.25
N MET C 276 -20.36 29.58 -11.28
CA MET C 276 -21.02 30.01 -12.50
C MET C 276 -20.10 30.79 -13.43
N GLY C 277 -18.93 31.16 -12.96
CA GLY C 277 -18.03 31.98 -13.75
C GLY C 277 -17.59 31.34 -15.07
N PRO C 278 -16.78 30.27 -14.99
CA PRO C 278 -16.33 29.58 -16.21
C PRO C 278 -17.50 29.18 -17.13
N LYS C 279 -18.64 28.83 -16.53
CA LYS C 279 -19.82 28.46 -17.29
C LYS C 279 -20.33 29.61 -18.15
N VAL C 280 -20.52 30.75 -17.52
CA VAL C 280 -20.94 31.94 -18.25
C VAL C 280 -19.93 32.27 -19.36
N ARG C 281 -18.65 32.37 -18.99
CA ARG C 281 -17.55 32.62 -19.93
C ARG C 281 -17.55 31.66 -21.14
N ALA C 282 -17.74 30.37 -20.88
CA ALA C 282 -17.78 29.35 -21.93
C ALA C 282 -18.92 29.66 -22.88
N ALA C 283 -20.13 29.81 -22.32
CA ALA C 283 -21.35 30.07 -23.10
C ALA C 283 -21.18 31.30 -24.00
N ILE C 284 -20.76 32.42 -23.40
CA ILE C 284 -20.38 33.63 -24.14
C ILE C 284 -19.41 33.36 -25.31
N GLU C 285 -18.34 32.63 -25.05
CA GLU C 285 -17.33 32.41 -26.08
C GLU C 285 -17.86 31.61 -27.28
N PHE C 286 -18.80 30.71 -27.05
CA PHE C 286 -19.42 29.96 -28.12
C PHE C 286 -20.35 30.88 -28.91
N THR C 287 -21.29 31.51 -28.19
CA THR C 287 -22.27 32.37 -28.81
C THR C 287 -21.56 33.52 -29.53
N GLN C 288 -20.46 34.00 -28.96
CA GLN C 288 -19.59 34.93 -29.68
C GLN C 288 -19.08 34.37 -31.02
N ALA C 289 -18.35 33.26 -30.96
CA ALA C 289 -17.63 32.79 -32.14
C ALA C 289 -18.54 32.29 -33.24
N THR C 290 -19.72 31.82 -32.87
CA THR C 290 -20.59 31.14 -33.83
C THR C 290 -21.87 31.91 -34.07
N GLY C 291 -22.16 32.85 -33.18
CA GLY C 291 -23.42 33.58 -33.21
C GLY C 291 -24.59 32.68 -32.87
N LYS C 292 -24.29 31.41 -32.57
CA LYS C 292 -25.32 30.44 -32.20
C LYS C 292 -25.68 30.54 -30.71
N MET C 293 -26.74 29.86 -30.33
CA MET C 293 -27.21 30.05 -28.96
C MET C 293 -26.60 29.07 -27.94
N SER C 294 -26.42 29.57 -26.72
CA SER C 294 -25.93 28.77 -25.61
C SER C 294 -26.96 28.76 -24.48
N ILE C 295 -26.98 27.67 -23.74
CA ILE C 295 -28.00 27.49 -22.74
C ILE C 295 -27.32 27.03 -21.46
N ILE C 296 -27.64 27.68 -20.35
CA ILE C 296 -27.23 27.23 -19.03
C ILE C 296 -28.54 26.94 -18.29
N THR C 297 -28.75 25.72 -17.87
CA THR C 297 -30.02 25.37 -17.27
C THR C 297 -29.77 24.16 -16.38
N SER C 298 -30.80 23.65 -15.72
CA SER C 298 -30.64 22.47 -14.90
C SER C 298 -30.77 21.23 -15.76
N LEU C 299 -30.23 20.10 -15.30
CA LEU C 299 -30.46 18.83 -15.98
C LEU C 299 -31.94 18.46 -16.24
N SER C 300 -32.82 18.81 -15.30
CA SER C 300 -34.26 18.52 -15.36
C SER C 300 -35.07 19.38 -16.33
N THR C 301 -34.57 20.57 -16.65
CA THR C 301 -35.28 21.48 -17.53
C THR C 301 -34.58 21.69 -18.85
N ALA C 302 -33.77 20.72 -19.21
CA ALA C 302 -32.90 20.82 -20.37
C ALA C 302 -33.68 20.84 -21.70
N VAL C 303 -34.66 19.96 -21.81
CA VAL C 303 -35.55 19.94 -22.96
C VAL C 303 -36.32 21.26 -23.15
N ASP C 304 -36.84 21.79 -22.04
CA ASP C 304 -37.61 23.04 -22.07
C ASP C 304 -36.70 24.19 -22.44
N ALA C 305 -35.47 24.19 -21.94
CA ALA C 305 -34.52 25.21 -22.37
C ALA C 305 -34.42 25.22 -23.91
N LEU C 306 -34.37 24.05 -24.50
CA LEU C 306 -34.29 23.96 -25.95
C LEU C 306 -35.55 24.54 -26.61
N ASN C 307 -36.72 24.12 -26.14
CA ASN C 307 -37.96 24.67 -26.68
C ASN C 307 -38.00 26.19 -26.68
N GLY C 308 -37.59 26.78 -25.56
CA GLY C 308 -37.56 28.21 -25.40
C GLY C 308 -38.22 28.53 -24.07
N LYS C 309 -38.84 27.52 -23.49
CA LYS C 309 -39.69 27.64 -22.30
C LYS C 309 -38.97 28.04 -20.98
N CYS C 310 -37.64 28.10 -20.96
CA CYS C 310 -36.93 28.47 -19.73
C CYS C 310 -35.39 28.50 -19.81
N GLY C 311 -34.76 28.65 -18.65
CA GLY C 311 -33.33 28.63 -18.54
C GLY C 311 -32.69 29.93 -19.00
N THR C 312 -31.38 30.02 -18.83
CA THR C 312 -30.64 31.13 -19.36
C THR C 312 -30.27 30.76 -20.79
N ARG C 313 -30.59 31.65 -21.72
CA ARG C 313 -30.33 31.44 -23.13
C ARG C 313 -29.64 32.66 -23.68
N ILE C 314 -28.34 32.54 -23.96
CA ILE C 314 -27.60 33.66 -24.52
C ILE C 314 -27.85 33.74 -26.02
N ILE C 315 -27.99 34.95 -26.53
CA ILE C 315 -28.38 35.16 -27.92
C ILE C 315 -27.52 36.18 -28.62
N LYS C 316 -27.28 35.96 -29.91
CA LYS C 316 -26.59 36.93 -30.77
C LYS C 316 -27.30 38.30 -30.84
N ASP C 317 -26.49 39.35 -30.93
CA ASP C 317 -27.02 40.69 -31.14
C ASP C 317 -27.33 40.91 -32.62
N MET D 2 -8.29 5.22 -46.46
CA MET D 2 -8.62 5.10 -47.88
C MET D 2 -9.71 4.04 -48.17
N SER D 3 -10.62 4.41 -49.07
CA SER D 3 -11.90 3.71 -49.23
C SER D 3 -11.84 2.26 -49.72
N ALA D 4 -10.77 1.89 -50.43
CA ALA D 4 -10.73 0.58 -51.10
C ALA D 4 -10.11 -0.54 -50.30
N GLY D 5 -9.56 -0.23 -49.12
CA GLY D 5 -8.86 -1.19 -48.31
C GLY D 5 -9.72 -2.31 -47.76
N LYS D 6 -9.14 -3.50 -47.70
CA LYS D 6 -9.69 -4.60 -46.95
C LYS D 6 -9.55 -4.36 -45.42
N THR D 7 -10.39 -5.04 -44.65
CA THR D 7 -10.37 -4.86 -43.22
C THR D 7 -9.56 -5.97 -42.52
N VAL D 8 -8.64 -5.53 -41.67
CA VAL D 8 -7.91 -6.42 -40.82
C VAL D 8 -8.15 -6.03 -39.34
N VAL D 9 -8.61 -7.02 -38.57
CA VAL D 9 -8.84 -6.93 -37.14
C VAL D 9 -7.66 -7.59 -36.38
N ILE D 10 -6.92 -6.75 -35.64
CA ILE D 10 -5.71 -7.15 -34.93
C ILE D 10 -5.82 -7.08 -33.38
N ALA D 11 -5.46 -8.19 -32.72
CA ALA D 11 -5.33 -8.23 -31.27
C ALA D 11 -3.88 -8.12 -30.83
N LEU D 12 -3.50 -7.00 -30.19
CA LEU D 12 -2.21 -6.92 -29.49
C LEU D 12 -2.25 -7.75 -28.22
N GLY D 13 -1.09 -8.31 -27.84
CA GLY D 13 -0.93 -8.99 -26.57
C GLY D 13 -0.39 -8.12 -25.43
N GLY D 14 0.08 -8.78 -24.35
CA GLY D 14 0.70 -8.14 -23.19
C GLY D 14 2.02 -7.50 -23.59
N ASN D 15 2.63 -8.09 -24.61
CA ASN D 15 3.89 -7.65 -25.17
C ASN D 15 3.84 -6.23 -25.74
N ALA D 16 2.73 -5.91 -26.40
CA ALA D 16 2.45 -4.53 -26.77
C ALA D 16 2.70 -3.54 -25.59
N MET D 17 2.64 -4.06 -24.35
CA MET D 17 2.60 -3.14 -23.23
C MET D 17 3.42 -3.52 -22.02
N LEU D 18 3.24 -4.74 -21.52
CA LEU D 18 3.91 -5.11 -20.26
C LEU D 18 4.55 -6.49 -20.30
N GLN D 19 5.83 -6.53 -20.66
CA GLN D 19 6.57 -7.77 -20.87
C GLN D 19 6.79 -8.74 -19.69
N ALA D 20 7.67 -9.71 -19.98
CA ALA D 20 8.06 -10.74 -19.02
C ALA D 20 8.84 -10.12 -17.88
N LYS D 21 8.25 -10.17 -16.69
CA LYS D 21 8.95 -9.69 -15.50
C LYS D 21 9.67 -8.34 -15.73
N GLU D 22 9.03 -7.43 -16.46
CA GLU D 22 9.40 -6.02 -16.32
C GLU D 22 8.28 -5.30 -15.56
N LYS D 23 8.57 -4.13 -15.02
CA LYS D 23 7.57 -3.51 -14.15
C LYS D 23 6.80 -2.47 -14.94
N GLY D 24 5.51 -2.38 -14.64
CA GLY D 24 4.56 -1.62 -15.43
C GLY D 24 4.27 -0.24 -14.91
N ASP D 25 5.30 0.58 -14.76
CA ASP D 25 5.05 2.00 -14.68
C ASP D 25 4.59 2.44 -16.07
N TYR D 26 4.01 3.63 -16.12
CA TYR D 26 3.58 4.27 -17.34
C TYR D 26 4.67 4.28 -18.44
N ASP D 27 5.84 4.84 -18.14
CA ASP D 27 6.90 5.03 -19.15
C ASP D 27 7.23 3.75 -19.86
N THR D 28 7.30 2.68 -19.10
CA THR D 28 7.64 1.40 -19.67
C THR D 28 6.57 0.90 -20.62
N GLN D 29 5.32 1.02 -20.21
CA GLN D 29 4.24 0.59 -21.08
C GLN D 29 4.14 1.52 -22.30
N ARG D 30 4.34 2.82 -22.09
CA ARG D 30 4.28 3.78 -23.18
C ARG D 30 5.23 3.37 -24.28
N LYS D 31 6.50 3.21 -23.95
CA LYS D 31 7.49 2.88 -24.97
C LYS D 31 7.20 1.54 -25.67
N ASN D 32 6.67 0.57 -24.94
CA ASN D 32 6.21 -0.68 -25.53
C ASN D 32 5.15 -0.43 -26.60
N VAL D 33 4.11 0.30 -26.21
CA VAL D 33 3.03 0.64 -27.12
C VAL D 33 3.48 1.43 -28.37
N GLU D 34 4.43 2.35 -28.19
CA GLU D 34 5.02 3.11 -29.28
C GLU D 34 5.66 2.20 -30.34
N ILE D 35 6.22 1.08 -29.87
CA ILE D 35 6.77 0.07 -30.76
C ILE D 35 5.70 -0.61 -31.58
N ALA D 36 4.67 -1.13 -30.93
CA ALA D 36 3.58 -1.72 -31.68
C ALA D 36 3.02 -0.71 -32.69
N ALA D 37 2.73 0.51 -32.23
CA ALA D 37 2.24 1.59 -33.07
C ALA D 37 2.95 1.66 -34.43
N SER D 38 4.26 1.86 -34.38
CA SER D 38 4.98 2.10 -35.60
C SER D 38 4.87 0.84 -36.48
N GLU D 39 4.85 -0.34 -35.86
CA GLU D 39 4.56 -1.55 -36.63
C GLU D 39 3.18 -1.48 -37.29
N ILE D 40 2.17 -1.19 -36.48
CA ILE D 40 0.80 -1.19 -36.94
C ILE D 40 0.61 -0.20 -38.07
N TYR D 41 1.34 0.91 -38.02
CA TYR D 41 1.20 2.00 -38.97
C TYR D 41 1.51 1.59 -40.42
N LYS D 42 2.44 0.67 -40.56
CA LYS D 42 2.80 0.11 -41.85
C LYS D 42 1.57 -0.53 -42.49
N ILE D 43 0.80 -1.22 -41.66
CA ILE D 43 -0.36 -1.92 -42.17
C ILE D 43 -1.36 -0.93 -42.76
N HIS D 44 -1.45 0.23 -42.14
CA HIS D 44 -2.39 1.26 -42.56
C HIS D 44 -1.80 1.99 -43.76
N LYS D 45 -0.48 2.15 -43.76
CA LYS D 45 0.25 2.69 -44.88
C LYS D 45 0.10 1.79 -46.08
N ALA D 46 0.09 0.48 -45.85
CA ALA D 46 -0.07 -0.47 -46.96
C ALA D 46 -1.49 -0.43 -47.55
N GLY D 47 -2.42 0.20 -46.84
CA GLY D 47 -3.73 0.41 -47.40
C GLY D 47 -4.86 -0.35 -46.75
N TYR D 48 -4.58 -1.18 -45.75
CA TYR D 48 -5.69 -1.85 -45.04
C TYR D 48 -6.47 -0.92 -44.08
N LYS D 49 -7.72 -1.29 -43.81
CA LYS D 49 -8.47 -0.66 -42.74
C LYS D 49 -8.27 -1.45 -41.46
N VAL D 50 -7.90 -0.77 -40.39
CA VAL D 50 -7.47 -1.45 -39.17
C VAL D 50 -8.39 -1.24 -37.96
N VAL D 51 -8.90 -2.34 -37.45
CA VAL D 51 -9.50 -2.38 -36.13
C VAL D 51 -8.42 -2.96 -35.21
N LEU D 52 -8.15 -2.27 -34.11
CA LEU D 52 -7.08 -2.71 -33.21
C LEU D 52 -7.66 -3.06 -31.85
N THR D 53 -7.53 -4.31 -31.43
CA THR D 53 -7.91 -4.63 -30.06
C THR D 53 -6.66 -4.98 -29.25
N SER D 54 -6.90 -5.39 -28.00
CA SER D 54 -5.81 -5.81 -27.12
C SER D 54 -6.24 -6.62 -25.89
N GLY D 55 -5.26 -7.23 -25.22
CA GLY D 55 -5.47 -7.76 -23.89
C GLY D 55 -5.45 -6.64 -22.84
N ASN D 56 -5.73 -6.97 -21.59
CA ASN D 56 -5.59 -6.02 -20.51
C ASN D 56 -5.16 -6.69 -19.17
N GLY D 57 -4.70 -7.95 -19.27
CA GLY D 57 -4.39 -8.78 -18.12
C GLY D 57 -3.57 -8.09 -17.03
N PRO D 58 -2.35 -7.69 -17.37
CA PRO D 58 -1.50 -7.03 -16.38
C PRO D 58 -2.14 -5.75 -15.89
N GLN D 59 -2.81 -5.05 -16.82
CA GLN D 59 -3.31 -3.69 -16.59
C GLN D 59 -4.54 -3.62 -15.68
N VAL D 60 -5.47 -4.54 -15.90
CA VAL D 60 -6.70 -4.59 -15.14
C VAL D 60 -6.42 -5.26 -13.80
N GLY D 61 -5.45 -6.18 -13.77
CA GLY D 61 -4.98 -6.73 -12.51
C GLY D 61 -4.42 -5.62 -11.62
N ALA D 62 -3.59 -4.75 -12.16
CA ALA D 62 -3.01 -3.69 -11.39
C ALA D 62 -4.10 -2.72 -10.88
N ILE D 63 -5.04 -2.35 -11.73
CA ILE D 63 -6.13 -1.50 -11.27
C ILE D 63 -6.99 -2.21 -10.22
N LYS D 64 -7.14 -3.54 -10.32
CA LYS D 64 -7.94 -4.26 -9.33
C LYS D 64 -7.19 -4.32 -7.99
N LEU D 65 -5.90 -4.63 -8.05
CA LEU D 65 -5.05 -4.62 -6.87
C LEU D 65 -5.15 -3.27 -6.20
N GLN D 66 -5.15 -2.21 -7.02
CA GLN D 66 -5.12 -0.85 -6.47
C GLN D 66 -6.40 -0.57 -5.76
N ASN D 67 -7.48 -1.18 -6.23
CA ASN D 67 -8.78 -0.93 -5.65
C ASN D 67 -8.97 -1.68 -4.33
N GLN D 68 -8.34 -2.85 -4.23
CA GLN D 68 -8.38 -3.61 -2.99
C GLN D 68 -7.47 -2.95 -1.97
N ALA D 69 -6.28 -2.56 -2.39
CA ALA D 69 -5.31 -1.96 -1.46
C ALA D 69 -5.85 -0.67 -0.87
N ALA D 70 -6.65 0.06 -1.64
CA ALA D 70 -7.03 1.40 -1.23
C ALA D 70 -8.43 1.49 -0.60
N ALA D 71 -9.07 0.33 -0.40
CA ALA D 71 -10.48 0.30 0.01
C ALA D 71 -10.76 0.98 1.35
N GLY D 72 -9.76 1.04 2.23
CA GLY D 72 -9.93 1.74 3.47
C GLY D 72 -9.88 3.25 3.29
N VAL D 73 -9.61 3.68 2.07
CA VAL D 73 -9.34 5.08 1.78
C VAL D 73 -10.19 5.62 0.60
N SER D 74 -10.57 4.74 -0.32
CA SER D 74 -11.39 5.17 -1.44
C SER D 74 -12.21 3.98 -1.89
N PRO D 75 -13.48 4.22 -2.23
CA PRO D 75 -14.38 3.10 -2.45
C PRO D 75 -13.90 2.18 -3.56
N GLU D 76 -14.06 0.88 -3.32
CA GLU D 76 -13.56 -0.13 -4.22
C GLU D 76 -14.53 -0.48 -5.38
N MET D 77 -14.04 -0.28 -6.61
CA MET D 77 -14.84 -0.47 -7.82
C MET D 77 -14.84 -1.93 -8.20
N PRO D 78 -15.99 -2.45 -8.65
CA PRO D 78 -16.07 -3.88 -9.03
C PRO D 78 -15.15 -4.17 -10.22
N LEU D 79 -14.95 -5.45 -10.55
CA LEU D 79 -13.96 -5.82 -11.56
C LEU D 79 -14.32 -5.31 -12.98
N HIS D 80 -15.60 -5.31 -13.34
CA HIS D 80 -15.95 -4.79 -14.66
C HIS D 80 -15.65 -3.31 -14.76
N VAL D 81 -15.78 -2.56 -13.65
CA VAL D 81 -15.47 -1.12 -13.68
C VAL D 81 -13.99 -0.89 -13.87
N CYS D 82 -13.18 -1.74 -13.25
CA CYS D 82 -11.73 -1.69 -13.47
C CYS D 82 -11.44 -2.03 -14.93
N GLY D 83 -12.24 -2.96 -15.46
CA GLY D 83 -12.17 -3.29 -16.88
C GLY D 83 -12.31 -2.02 -17.70
N ALA D 84 -13.37 -1.25 -17.39
CA ALA D 84 -13.64 0.03 -18.06
C ALA D 84 -12.47 0.99 -17.90
N MET D 85 -11.97 1.09 -16.66
CA MET D 85 -10.82 1.94 -16.34
C MET D 85 -9.59 1.62 -17.20
N SER D 86 -9.40 0.33 -17.51
CA SER D 86 -8.20 -0.12 -18.17
C SER D 86 -8.26 0.12 -19.67
N GLN D 87 -9.48 0.05 -20.21
CA GLN D 87 -9.76 0.51 -21.57
C GLN D 87 -9.33 1.95 -21.71
N GLY D 88 -9.66 2.74 -20.70
CA GLY D 88 -9.42 4.16 -20.76
C GLY D 88 -7.94 4.35 -20.93
N PHE D 89 -7.19 3.62 -20.11
CA PHE D 89 -5.72 3.65 -19.97
C PHE D 89 -5.03 3.16 -21.25
N ILE D 90 -5.32 1.92 -21.62
CA ILE D 90 -4.68 1.33 -22.79
C ILE D 90 -5.12 2.11 -24.04
N GLY D 91 -6.42 2.41 -24.11
CA GLY D 91 -6.96 3.15 -25.23
C GLY D 91 -6.24 4.47 -25.35
N TYR D 92 -5.85 5.04 -24.21
CA TYR D 92 -5.14 6.30 -24.24
C TYR D 92 -3.77 6.16 -24.91
N MET D 93 -2.98 5.19 -24.42
CA MET D 93 -1.61 4.99 -24.89
C MET D 93 -1.61 4.69 -26.37
N MET D 94 -2.50 3.80 -26.79
CA MET D 94 -2.59 3.39 -28.18
C MET D 94 -2.89 4.57 -29.09
N SER D 95 -3.97 5.26 -28.78
CA SER D 95 -4.39 6.45 -29.53
C SER D 95 -3.31 7.47 -29.70
N GLN D 96 -2.55 7.70 -28.64
CA GLN D 96 -1.59 8.78 -28.69
C GLN D 96 -0.37 8.28 -29.43
N ALA D 97 0.00 7.03 -29.18
CA ALA D 97 1.04 6.36 -29.95
C ALA D 97 0.68 6.42 -31.45
N MET D 98 -0.49 5.93 -31.79
CA MET D 98 -0.94 5.92 -33.18
C MET D 98 -0.92 7.34 -33.73
N ASP D 99 -1.40 8.30 -32.95
CA ASP D 99 -1.42 9.68 -33.41
C ASP D 99 -0.02 10.20 -33.74
N ASN D 100 0.99 9.71 -33.03
CA ASN D 100 2.34 10.25 -33.19
C ASN D 100 3.06 9.70 -34.43
N VAL D 101 2.85 8.42 -34.74
CA VAL D 101 3.36 7.88 -35.97
C VAL D 101 2.72 8.63 -37.15
N PHE D 102 1.39 8.59 -37.24
CA PHE D 102 0.68 9.41 -38.22
C PHE D 102 1.37 10.77 -38.41
N CYS D 103 1.46 11.55 -37.33
CA CYS D 103 2.04 12.88 -37.41
C CYS D 103 3.53 12.89 -37.79
N ALA D 104 4.28 11.91 -37.30
CA ALA D 104 5.68 11.74 -37.71
C ALA D 104 5.79 11.54 -39.24
N ASN D 105 4.78 10.88 -39.81
CA ASN D 105 4.67 10.68 -41.26
C ASN D 105 3.80 11.75 -41.93
N ASN D 106 3.61 12.89 -41.26
CA ASN D 106 2.87 13.99 -41.89
C ASN D 106 1.43 13.70 -42.29
N GLU D 107 0.85 12.67 -41.70
CA GLU D 107 -0.54 12.29 -41.97
C GLU D 107 -1.44 12.80 -40.84
N PRO D 108 -2.56 13.46 -41.18
CA PRO D 108 -3.39 13.98 -40.08
C PRO D 108 -3.98 12.81 -39.31
N ALA D 109 -4.27 13.00 -38.04
CA ALA D 109 -4.66 11.88 -37.23
C ALA D 109 -6.10 11.65 -37.27
N ASN D 110 -6.47 10.47 -37.69
CA ASN D 110 -7.78 9.99 -37.32
C ASN D 110 -7.90 8.52 -36.87
N CYS D 111 -7.69 8.29 -35.59
CA CYS D 111 -8.05 7.02 -34.99
C CYS D 111 -8.64 7.40 -33.65
N VAL D 112 -9.44 6.51 -33.07
CA VAL D 112 -9.97 6.69 -31.73
C VAL D 112 -10.04 5.42 -31.01
N THR D 113 -10.21 5.52 -29.70
CA THR D 113 -10.50 4.37 -28.88
C THR D 113 -11.94 4.40 -28.43
N CYS D 114 -12.60 3.26 -28.45
CA CYS D 114 -13.99 3.19 -28.07
C CYS D 114 -14.17 2.33 -26.84
N VAL D 115 -14.80 2.89 -25.83
CA VAL D 115 -15.25 2.10 -24.69
C VAL D 115 -16.16 1.01 -25.20
N THR D 116 -15.92 -0.22 -24.77
CA THR D 116 -16.63 -1.34 -25.33
C THR D 116 -17.23 -2.22 -24.26
N GLN D 117 -18.52 -2.49 -24.35
CA GLN D 117 -19.14 -3.52 -23.53
C GLN D 117 -19.32 -4.83 -24.34
N THR D 118 -19.12 -5.96 -23.67
CA THR D 118 -19.28 -7.28 -24.28
C THR D 118 -20.24 -8.15 -23.50
N LEU D 119 -21.25 -8.62 -24.20
CA LEU D 119 -22.28 -9.47 -23.59
C LEU D 119 -21.77 -10.88 -23.40
N VAL D 120 -22.04 -11.43 -22.22
CA VAL D 120 -21.68 -12.81 -21.89
C VAL D 120 -22.85 -13.45 -21.16
N ASP D 121 -22.88 -14.78 -21.12
CA ASP D 121 -23.86 -15.51 -20.32
C ASP D 121 -23.51 -15.42 -18.83
N PRO D 122 -24.44 -14.90 -18.03
CA PRO D 122 -24.18 -14.78 -16.59
C PRO D 122 -24.14 -16.16 -15.94
N LYS D 123 -24.37 -17.20 -16.74
CA LYS D 123 -24.41 -18.56 -16.23
C LYS D 123 -23.29 -19.41 -16.79
N ASP D 124 -22.36 -18.77 -17.47
CA ASP D 124 -21.13 -19.44 -17.87
C ASP D 124 -20.54 -20.20 -16.67
N GLN D 125 -19.95 -21.37 -16.93
CA GLN D 125 -19.23 -22.11 -15.90
C GLN D 125 -17.98 -21.33 -15.50
N ALA D 126 -17.63 -20.35 -16.32
CA ALA D 126 -16.47 -19.51 -16.08
C ALA D 126 -16.56 -18.85 -14.71
N PHE D 127 -17.78 -18.63 -14.24
CA PHE D 127 -18.02 -17.98 -12.96
C PHE D 127 -17.83 -18.91 -11.76
N THR D 128 -18.23 -20.17 -11.91
CA THR D 128 -17.97 -21.18 -10.91
C THR D 128 -16.48 -21.60 -10.82
N ASN D 129 -15.68 -21.25 -11.84
CA ASN D 129 -14.27 -21.63 -11.88
C ASN D 129 -13.38 -20.59 -12.57
N PRO D 130 -12.84 -19.62 -11.81
CA PRO D 130 -11.93 -18.61 -12.37
C PRO D 130 -10.62 -19.23 -12.80
N THR D 131 -10.10 -18.83 -13.95
CA THR D 131 -8.92 -19.47 -14.49
C THR D 131 -8.08 -18.46 -15.24
N LYS D 132 -8.62 -17.28 -15.42
CA LYS D 132 -7.91 -16.30 -16.21
C LYS D 132 -6.97 -15.48 -15.31
N PRO D 133 -5.66 -15.69 -15.51
CA PRO D 133 -4.62 -14.97 -14.78
C PRO D 133 -4.62 -13.51 -15.17
N VAL D 134 -4.36 -12.68 -14.18
CA VAL D 134 -4.51 -11.24 -14.30
C VAL D 134 -3.41 -10.57 -13.42
N GLY D 135 -3.04 -9.33 -13.74
CA GLY D 135 -2.08 -8.60 -12.93
C GLY D 135 -0.71 -9.26 -12.95
N ARG D 136 0.03 -9.07 -11.88
CA ARG D 136 1.43 -9.41 -11.90
C ARG D 136 1.78 -10.73 -11.18
N PHE D 137 3.01 -11.20 -11.36
CA PHE D 137 3.43 -12.53 -10.87
C PHE D 137 3.94 -12.57 -9.43
N TYR D 138 3.45 -13.57 -8.69
CA TYR D 138 3.91 -13.84 -7.33
C TYR D 138 4.68 -15.15 -7.21
N THR D 139 5.60 -15.19 -6.25
CA THR D 139 6.28 -16.42 -5.90
C THR D 139 5.28 -17.25 -5.15
N GLU D 140 5.48 -18.56 -5.15
CA GLU D 140 4.48 -19.45 -4.59
C GLU D 140 4.24 -19.15 -3.13
N GLN D 141 5.31 -18.78 -2.44
CA GLN D 141 5.22 -18.37 -1.05
C GLN D 141 4.28 -17.19 -0.94
N GLU D 142 4.63 -16.08 -1.60
CA GLU D 142 3.80 -14.87 -1.49
C GLU D 142 2.35 -15.18 -1.74
N ALA D 143 2.08 -16.00 -2.75
CA ALA D 143 0.72 -16.32 -3.15
C ALA D 143 -0.04 -16.95 -1.99
N LYS D 144 0.61 -17.91 -1.32
CA LYS D 144 -0.04 -18.63 -0.25
C LYS D 144 -0.30 -17.68 0.88
N ASP D 145 0.70 -16.87 1.17
CA ASP D 145 0.61 -15.90 2.25
C ASP D 145 -0.50 -14.92 1.94
N LEU D 146 -0.50 -14.43 0.71
CA LEU D 146 -1.50 -13.51 0.19
C LEU D 146 -2.91 -14.09 0.18
N MET D 147 -3.03 -15.40 -0.06
CA MET D 147 -4.35 -16.01 -0.17
C MET D 147 -5.08 -16.12 1.16
N ALA D 148 -4.36 -16.46 2.23
CA ALA D 148 -4.99 -16.58 3.54
C ALA D 148 -5.18 -15.21 4.18
N ALA D 149 -4.36 -14.24 3.75
CA ALA D 149 -4.54 -12.85 4.13
C ALA D 149 -5.82 -12.27 3.49
N ASN D 150 -6.20 -12.82 2.33
CA ASN D 150 -7.39 -12.37 1.59
C ASN D 150 -8.30 -13.54 1.20
N PRO D 151 -9.06 -14.07 2.15
CA PRO D 151 -9.90 -15.27 1.96
C PRO D 151 -10.60 -15.33 0.60
N GLY D 152 -11.07 -14.17 0.11
CA GLY D 152 -11.71 -14.10 -1.19
C GLY D 152 -10.78 -14.51 -2.32
N LYS D 153 -9.60 -13.90 -2.36
CA LYS D 153 -8.64 -14.09 -3.46
C LYS D 153 -8.28 -15.54 -3.78
N ILE D 154 -8.15 -15.81 -5.07
CA ILE D 154 -7.57 -17.07 -5.55
C ILE D 154 -6.40 -16.80 -6.49
N LEU D 155 -5.24 -17.36 -6.14
CA LEU D 155 -4.07 -17.31 -7.01
C LEU D 155 -3.79 -18.71 -7.54
N ARG D 156 -3.28 -18.82 -8.77
CA ARG D 156 -2.94 -20.09 -9.42
C ARG D 156 -1.61 -20.05 -10.19
N GLU D 157 -1.00 -21.22 -10.38
CA GLU D 157 0.23 -21.34 -11.17
C GLU D 157 -0.11 -21.10 -12.63
N ASP D 158 0.69 -20.26 -13.27
CA ASP D 158 0.44 -19.87 -14.64
C ASP D 158 1.79 -19.73 -15.35
N ALA D 159 1.86 -20.28 -16.55
CA ALA D 159 3.05 -20.26 -17.40
C ALA D 159 4.38 -20.55 -16.69
N GLY D 160 4.35 -21.40 -15.68
CA GLY D 160 5.56 -21.72 -14.91
C GLY D 160 6.19 -20.54 -14.18
N ARG D 161 5.99 -19.32 -14.73
CA ARG D 161 6.65 -18.10 -14.24
C ARG D 161 6.36 -17.77 -12.78
N GLY D 162 5.31 -18.37 -12.25
CA GLY D 162 4.87 -18.06 -10.91
C GLY D 162 3.37 -18.05 -10.71
N TRP D 163 2.93 -17.34 -9.68
CA TRP D 163 1.52 -17.37 -9.26
C TRP D 163 0.77 -16.07 -9.51
N ARG D 164 -0.49 -16.20 -9.92
CA ARG D 164 -1.27 -15.03 -10.31
C ARG D 164 -2.71 -15.11 -9.87
N VAL D 165 -3.26 -13.95 -9.53
CA VAL D 165 -4.67 -13.83 -9.30
C VAL D 165 -5.41 -14.34 -10.55
N VAL D 166 -6.58 -14.89 -10.31
CA VAL D 166 -7.31 -15.60 -11.34
C VAL D 166 -8.77 -15.11 -11.30
N VAL D 167 -9.44 -15.02 -12.45
CA VAL D 167 -10.78 -14.45 -12.47
C VAL D 167 -11.71 -15.14 -13.46
N PRO D 168 -13.03 -14.99 -13.27
CA PRO D 168 -13.97 -15.54 -14.27
C PRO D 168 -13.68 -15.00 -15.68
N SER D 169 -13.67 -15.92 -16.65
CA SER D 169 -13.43 -15.62 -18.07
C SER D 169 -14.54 -16.26 -18.95
N PRO D 170 -15.70 -15.61 -18.99
CA PRO D 170 -16.80 -16.20 -19.76
C PRO D 170 -16.59 -16.08 -21.27
N ARG D 171 -17.42 -16.79 -22.01
CA ARG D 171 -17.39 -16.66 -23.45
C ARG D 171 -18.06 -15.34 -23.83
N PRO D 172 -17.49 -14.63 -24.83
CA PRO D 172 -18.10 -13.41 -25.37
C PRO D 172 -19.27 -13.75 -26.30
N LEU D 173 -20.36 -13.02 -26.19
CA LEU D 173 -21.52 -13.31 -27.03
C LEU D 173 -21.85 -12.21 -28.03
N GLU D 174 -21.60 -10.97 -27.64
CA GLU D 174 -21.86 -9.85 -28.54
C GLU D 174 -21.17 -8.58 -28.07
N ILE D 175 -20.49 -7.94 -29.02
CA ILE D 175 -19.95 -6.60 -28.82
C ILE D 175 -21.05 -5.53 -28.98
N VAL D 176 -21.42 -4.85 -27.90
CA VAL D 176 -22.57 -3.93 -27.91
C VAL D 176 -22.44 -2.79 -28.92
N GLU D 177 -21.22 -2.28 -29.04
CA GLU D 177 -20.91 -1.14 -29.85
C GLU D 177 -20.60 -1.64 -31.26
N TYR D 178 -21.09 -2.82 -31.60
CA TYR D 178 -20.72 -3.39 -32.89
C TYR D 178 -21.03 -2.39 -34.04
N GLY D 179 -22.26 -1.89 -34.05
CA GLY D 179 -22.72 -1.06 -35.15
C GLY D 179 -21.91 0.22 -35.28
N VAL D 180 -21.45 0.74 -34.16
CA VAL D 180 -20.74 1.99 -34.26
C VAL D 180 -19.31 1.79 -34.73
N ILE D 181 -18.70 0.71 -34.24
CA ILE D 181 -17.39 0.32 -34.70
C ILE D 181 -17.39 0.20 -36.24
N LYS D 182 -18.40 -0.49 -36.79
CA LYS D 182 -18.57 -0.66 -38.24
C LYS D 182 -18.62 0.67 -39.00
N THR D 183 -19.47 1.57 -38.51
CA THR D 183 -19.61 2.92 -39.07
C THR D 183 -18.27 3.62 -39.22
N LEU D 184 -17.43 3.53 -38.20
CA LEU D 184 -16.17 4.25 -38.22
C LEU D 184 -15.24 3.68 -39.27
N ILE D 185 -15.12 2.35 -39.30
CA ILE D 185 -14.26 1.75 -40.31
C ILE D 185 -14.78 1.97 -41.73
N ASP D 186 -16.11 1.92 -41.93
CA ASP D 186 -16.68 2.34 -43.20
C ASP D 186 -16.25 3.74 -43.55
N ASN D 187 -16.06 4.59 -42.55
CA ASN D 187 -15.61 5.96 -42.80
C ASN D 187 -14.11 6.14 -42.68
N ASN D 188 -13.38 5.02 -42.59
CA ASN D 188 -11.92 5.01 -42.62
C ASN D 188 -11.20 5.46 -41.34
N VAL D 189 -11.87 5.36 -40.19
CA VAL D 189 -11.18 5.58 -38.91
C VAL D 189 -10.36 4.34 -38.55
N LEU D 190 -9.11 4.55 -38.12
CA LEU D 190 -8.36 3.52 -37.42
C LEU D 190 -8.97 3.39 -36.03
N VAL D 191 -9.69 2.31 -35.78
CA VAL D 191 -10.45 2.18 -34.54
C VAL D 191 -9.80 1.27 -33.51
N ILE D 192 -9.69 1.76 -32.28
CA ILE D 192 -9.22 0.95 -31.14
C ILE D 192 -10.42 0.67 -30.21
N CYS D 193 -10.67 -0.59 -29.91
CA CYS D 193 -11.86 -0.97 -29.17
C CYS D 193 -11.63 -2.38 -28.63
N THR D 194 -12.58 -2.86 -27.83
CA THR D 194 -12.54 -4.21 -27.28
C THR D 194 -11.23 -4.52 -26.53
N ASN D 195 -10.59 -3.47 -26.02
CA ASN D 195 -9.48 -3.64 -25.10
C ASN D 195 -9.83 -4.50 -23.87
N GLY D 196 -9.07 -5.59 -23.68
CA GLY D 196 -9.34 -6.57 -22.64
C GLY D 196 -10.54 -7.44 -22.96
N GLY D 197 -10.86 -7.50 -24.25
CA GLY D 197 -12.01 -8.23 -24.76
C GLY D 197 -13.41 -7.65 -24.45
N GLY D 198 -13.49 -6.35 -24.15
CA GLY D 198 -14.76 -5.70 -23.84
C GLY D 198 -15.16 -5.80 -22.36
N ILE D 199 -15.81 -4.76 -21.81
CA ILE D 199 -16.31 -4.76 -20.42
C ILE D 199 -17.44 -5.77 -20.26
N PRO D 200 -17.26 -6.77 -19.38
CA PRO D 200 -18.17 -7.93 -19.29
C PRO D 200 -19.52 -7.54 -18.76
N CYS D 201 -20.55 -7.75 -19.57
CA CYS D 201 -21.91 -7.37 -19.21
C CYS D 201 -22.91 -8.46 -19.54
N LYS D 202 -24.06 -8.37 -18.89
CA LYS D 202 -25.15 -9.25 -19.18
C LYS D 202 -26.36 -8.37 -19.44
N ARG D 203 -27.39 -8.96 -20.02
CA ARG D 203 -28.59 -8.23 -20.39
C ARG D 203 -29.79 -9.10 -19.98
N GLU D 204 -30.60 -8.57 -19.08
CA GLU D 204 -31.68 -9.33 -18.47
C GLU D 204 -32.94 -8.51 -18.69
N ASN D 205 -33.69 -8.94 -19.70
CA ASN D 205 -34.89 -8.25 -20.12
C ASN D 205 -34.63 -6.76 -20.28
N LYS D 206 -33.89 -6.45 -21.35
CA LYS D 206 -33.68 -5.09 -21.85
C LYS D 206 -32.80 -4.20 -20.94
N VAL D 207 -32.10 -4.82 -19.98
CA VAL D 207 -31.12 -4.06 -19.19
C VAL D 207 -29.70 -4.66 -19.11
N ILE D 208 -28.74 -3.95 -19.69
CA ILE D 208 -27.34 -4.36 -19.60
C ILE D 208 -26.70 -3.93 -18.28
N SER D 209 -25.86 -4.79 -17.73
CA SER D 209 -25.20 -4.46 -16.48
C SER D 209 -23.96 -5.29 -16.37
N GLY D 210 -22.98 -4.76 -15.63
CA GLY D 210 -21.66 -5.38 -15.53
C GLY D 210 -21.63 -6.69 -14.74
N VAL D 211 -20.86 -7.67 -15.21
CA VAL D 211 -20.54 -8.86 -14.39
C VAL D 211 -19.05 -8.87 -14.18
N ASP D 212 -18.63 -9.42 -13.05
CA ASP D 212 -17.24 -9.37 -12.67
C ASP D 212 -16.49 -10.48 -13.34
N ALA D 213 -15.80 -10.11 -14.42
CA ALA D 213 -15.12 -11.03 -15.28
C ALA D 213 -14.04 -10.31 -16.07
N VAL D 214 -13.13 -11.11 -16.64
CA VAL D 214 -12.30 -10.63 -17.73
C VAL D 214 -12.36 -11.65 -18.86
N ILE D 215 -12.66 -11.18 -20.06
CA ILE D 215 -12.96 -12.03 -21.20
C ILE D 215 -11.69 -12.30 -22.01
N ASP D 216 -11.56 -13.49 -22.59
CA ASP D 216 -10.42 -13.75 -23.48
C ASP D 216 -10.44 -12.81 -24.67
N LYS D 217 -9.40 -12.00 -24.74
CA LYS D 217 -9.28 -11.01 -25.77
C LYS D 217 -9.23 -11.63 -27.19
N ASP D 218 -8.63 -12.81 -27.35
CA ASP D 218 -8.62 -13.51 -28.65
C ASP D 218 -10.00 -13.98 -29.10
N LEU D 219 -10.77 -14.57 -28.20
CA LEU D 219 -12.17 -14.90 -28.46
C LEU D 219 -13.00 -13.64 -28.73
N ALA D 220 -12.79 -12.63 -27.89
CA ALA D 220 -13.50 -11.37 -28.04
C ALA D 220 -13.17 -10.81 -29.40
N THR D 221 -11.91 -10.87 -29.78
CA THR D 221 -11.55 -10.30 -31.08
C THR D 221 -12.10 -11.10 -32.23
N SER D 222 -12.10 -12.41 -32.07
CA SER D 222 -12.56 -13.30 -33.12
C SER D 222 -14.00 -12.97 -33.43
N LEU D 223 -14.78 -12.80 -32.36
CA LEU D 223 -16.19 -12.49 -32.46
C LEU D 223 -16.43 -11.20 -33.22
N LEU D 224 -15.59 -10.21 -32.95
CA LEU D 224 -15.73 -8.92 -33.58
C LEU D 224 -15.40 -9.02 -35.09
N ALA D 225 -14.26 -9.60 -35.39
CA ALA D 225 -13.84 -9.80 -36.77
C ALA D 225 -14.96 -10.49 -37.58
N LYS D 226 -15.66 -11.39 -36.92
CA LYS D 226 -16.74 -12.14 -37.56
C LYS D 226 -17.99 -11.28 -37.76
N THR D 227 -18.28 -10.42 -36.80
CA THR D 227 -19.47 -9.59 -36.87
C THR D 227 -19.23 -8.51 -37.92
N LEU D 228 -17.98 -8.08 -38.04
CA LEU D 228 -17.55 -7.07 -39.01
C LEU D 228 -17.42 -7.64 -40.42
N ASN D 229 -17.38 -8.97 -40.51
CA ASN D 229 -16.95 -9.63 -41.72
C ASN D 229 -15.66 -9.05 -42.26
N SER D 230 -14.65 -8.94 -41.41
CA SER D 230 -13.40 -8.43 -41.91
C SER D 230 -12.70 -9.47 -42.79
N ASP D 231 -11.72 -9.00 -43.54
CA ASP D 231 -11.00 -9.84 -44.47
C ASP D 231 -9.99 -10.76 -43.82
N TYR D 232 -9.39 -10.26 -42.74
CA TYR D 232 -8.47 -11.04 -41.91
C TYR D 232 -8.72 -10.84 -40.41
N LEU D 233 -8.35 -11.87 -39.64
CA LEU D 233 -8.23 -11.76 -38.19
C LEU D 233 -6.76 -11.98 -37.91
N MET D 234 -6.14 -11.06 -37.21
CA MET D 234 -4.73 -11.19 -36.98
C MET D 234 -4.42 -11.09 -35.49
N ILE D 235 -3.89 -12.18 -34.96
CA ILE D 235 -3.43 -12.21 -33.56
C ILE D 235 -1.91 -12.10 -33.44
N LEU D 236 -1.46 -11.06 -32.75
CA LEU D 236 -0.03 -10.85 -32.52
C LEU D 236 0.44 -11.44 -31.19
N THR D 237 1.66 -11.95 -31.23
CA THR D 237 2.24 -12.58 -30.06
C THR D 237 3.77 -12.34 -30.04
N ASP D 238 4.49 -13.21 -29.33
CA ASP D 238 5.95 -13.16 -29.26
C ASP D 238 6.62 -14.26 -30.10
N VAL D 239 6.12 -15.48 -30.05
CA VAL D 239 6.53 -16.52 -31.00
C VAL D 239 6.11 -16.06 -32.40
N LEU D 240 6.98 -16.19 -33.39
CA LEU D 240 6.59 -15.79 -34.75
C LEU D 240 5.61 -16.81 -35.32
N ASN D 241 5.32 -17.83 -34.51
CA ASN D 241 4.60 -18.99 -34.98
C ASN D 241 3.95 -19.82 -33.90
N ALA D 242 3.53 -21.02 -34.29
CA ALA D 242 2.99 -21.99 -33.36
C ALA D 242 3.66 -23.35 -33.56
N CYS D 243 4.15 -23.91 -32.45
CA CYS D 243 4.83 -25.22 -32.45
C CYS D 243 3.89 -26.37 -32.06
N ILE D 244 4.01 -27.49 -32.78
CA ILE D 244 3.53 -28.77 -32.27
C ILE D 244 4.77 -29.60 -31.96
N ASN D 245 4.80 -30.20 -30.77
CA ASN D 245 6.04 -30.76 -30.23
C ASN D 245 7.08 -29.64 -30.11
N TYR D 246 7.03 -28.94 -28.97
CA TYR D 246 7.84 -27.76 -28.71
C TYR D 246 9.23 -28.12 -28.20
N LYS D 247 10.24 -27.70 -28.96
CA LYS D 247 11.64 -27.93 -28.60
C LYS D 247 12.08 -29.42 -28.60
N LYS D 248 11.24 -30.28 -29.18
CA LYS D 248 11.59 -31.66 -29.49
C LYS D 248 12.50 -31.71 -30.72
N PRO D 249 13.06 -32.91 -31.01
CA PRO D 249 13.66 -33.17 -32.33
C PRO D 249 12.58 -33.20 -33.43
N ASP D 250 11.62 -34.12 -33.34
CA ASP D 250 10.48 -34.16 -34.26
C ASP D 250 9.59 -32.92 -34.18
N GLU D 251 10.20 -31.76 -33.91
CA GLU D 251 9.47 -30.51 -33.90
C GLU D 251 9.01 -30.17 -35.32
N ARG D 252 7.79 -29.64 -35.42
CA ARG D 252 7.33 -28.99 -36.65
C ARG D 252 6.45 -27.83 -36.26
N LYS D 253 6.84 -26.64 -36.72
CA LYS D 253 6.08 -25.42 -36.42
C LYS D 253 5.26 -24.89 -37.63
N LEU D 254 4.01 -24.50 -37.37
CA LEU D 254 3.03 -24.26 -38.43
C LEU D 254 3.17 -22.92 -39.14
N GLU D 255 3.11 -22.95 -40.47
CA GLU D 255 2.99 -21.75 -41.29
C GLU D 255 1.59 -21.79 -41.92
N GLU D 256 1.51 -21.60 -43.24
CA GLU D 256 0.25 -21.86 -43.93
C GLU D 256 -0.32 -23.23 -43.52
N ILE D 257 -1.64 -23.34 -43.43
CA ILE D 257 -2.31 -24.58 -43.03
C ILE D 257 -3.85 -24.55 -43.09
N LYS D 258 -4.44 -25.59 -43.69
CA LYS D 258 -5.90 -25.68 -43.91
C LYS D 258 -6.67 -26.00 -42.64
N LEU D 259 -7.94 -25.64 -42.62
CA LEU D 259 -8.76 -25.74 -41.42
C LEU D 259 -8.85 -27.15 -40.83
N SER D 260 -9.20 -28.12 -41.67
CA SER D 260 -9.29 -29.52 -41.25
C SER D 260 -8.00 -29.92 -40.58
N GLU D 261 -6.91 -29.83 -41.33
CA GLU D 261 -5.58 -30.19 -40.85
C GLU D 261 -5.40 -29.83 -39.39
N ILE D 262 -5.57 -28.55 -39.10
CA ILE D 262 -5.38 -28.05 -37.76
C ILE D 262 -6.61 -28.25 -36.87
N LEU D 263 -7.79 -28.42 -37.48
CA LEU D 263 -9.02 -28.56 -36.69
C LEU D 263 -9.00 -29.82 -35.82
N ALA D 264 -8.60 -30.95 -36.43
CA ALA D 264 -8.51 -32.17 -35.67
C ALA D 264 -7.16 -32.24 -34.96
N LEU D 265 -6.18 -31.50 -35.49
CA LEU D 265 -4.94 -31.26 -34.77
C LEU D 265 -5.28 -30.69 -33.39
N GLU D 266 -6.23 -29.75 -33.36
CA GLU D 266 -6.65 -29.11 -32.11
C GLU D 266 -7.16 -30.11 -31.09
N LYS D 267 -8.29 -30.76 -31.39
CA LYS D 267 -8.92 -31.66 -30.43
C LYS D 267 -8.10 -32.93 -30.18
N ASP D 268 -7.12 -33.20 -31.04
CA ASP D 268 -6.14 -34.22 -30.73
C ASP D 268 -5.21 -33.69 -29.65
N GLY D 269 -5.24 -32.38 -29.45
CA GLY D 269 -4.68 -31.75 -28.26
C GLY D 269 -3.36 -31.03 -28.45
N HIS D 270 -2.96 -30.79 -29.70
CA HIS D 270 -1.63 -30.25 -29.97
C HIS D 270 -1.44 -28.79 -29.52
N PHE D 271 -2.50 -28.20 -28.99
CA PHE D 271 -2.41 -26.91 -28.35
C PHE D 271 -3.24 -26.94 -27.09
N ALA D 272 -2.99 -27.95 -26.25
CA ALA D 272 -3.67 -28.06 -24.97
C ALA D 272 -2.69 -27.77 -23.83
N ALA D 273 -1.61 -27.07 -24.17
CA ALA D 273 -0.53 -26.80 -23.22
C ALA D 273 -0.20 -25.32 -23.14
N GLY D 274 -1.16 -24.50 -22.73
CA GLY D 274 -0.86 -23.11 -22.43
C GLY D 274 -1.68 -22.05 -23.13
N SER D 275 -0.99 -21.23 -23.92
CA SER D 275 -1.58 -19.99 -24.41
C SER D 275 -2.12 -20.05 -25.85
N MET D 276 -1.46 -20.85 -26.70
CA MET D 276 -1.87 -21.02 -28.09
C MET D 276 -3.21 -21.73 -28.21
N GLY D 277 -3.64 -22.33 -27.10
CA GLY D 277 -4.92 -23.04 -27.05
C GLY D 277 -6.07 -22.17 -27.52
N PRO D 278 -6.45 -21.17 -26.70
CA PRO D 278 -7.50 -20.20 -27.04
C PRO D 278 -7.18 -19.37 -28.30
N LYS D 279 -5.90 -19.19 -28.62
CA LYS D 279 -5.53 -18.44 -29.81
C LYS D 279 -5.94 -19.17 -31.07
N VAL D 280 -5.50 -20.43 -31.18
CA VAL D 280 -5.93 -21.31 -32.26
C VAL D 280 -7.44 -21.47 -32.30
N ARG D 281 -8.04 -21.64 -31.12
CA ARG D 281 -9.48 -21.81 -31.02
C ARG D 281 -10.25 -20.60 -31.59
N ALA D 282 -9.72 -19.41 -31.34
CA ALA D 282 -10.32 -18.20 -31.83
C ALA D 282 -10.07 -18.08 -33.32
N ALA D 283 -8.86 -18.44 -33.74
CA ALA D 283 -8.51 -18.41 -35.15
C ALA D 283 -9.42 -19.34 -35.95
N ILE D 284 -9.70 -20.51 -35.38
CA ILE D 284 -10.53 -21.51 -36.01
C ILE D 284 -11.95 -21.00 -36.25
N GLU D 285 -12.57 -20.44 -35.22
CA GLU D 285 -13.97 -20.03 -35.33
C GLU D 285 -14.19 -18.94 -36.35
N PHE D 286 -13.18 -18.11 -36.54
CA PHE D 286 -13.27 -17.05 -37.52
C PHE D 286 -13.31 -17.66 -38.93
N THR D 287 -12.25 -18.40 -39.26
CA THR D 287 -12.11 -18.97 -40.58
C THR D 287 -13.25 -19.94 -40.87
N GLN D 288 -13.61 -20.74 -39.88
CA GLN D 288 -14.73 -21.65 -40.03
C GLN D 288 -16.04 -20.92 -40.27
N ALA D 289 -16.18 -19.73 -39.72
CA ALA D 289 -17.43 -19.00 -39.87
C ALA D 289 -17.47 -18.16 -41.14
N THR D 290 -16.34 -17.53 -41.47
CA THR D 290 -16.32 -16.57 -42.56
C THR D 290 -15.61 -17.13 -43.77
N GLY D 291 -14.70 -18.07 -43.52
CA GLY D 291 -13.88 -18.61 -44.58
C GLY D 291 -12.69 -17.74 -44.97
N LYS D 292 -12.37 -16.75 -44.14
CA LYS D 292 -11.24 -15.87 -44.44
C LYS D 292 -10.06 -16.28 -43.59
N MET D 293 -8.87 -15.84 -44.00
CA MET D 293 -7.62 -16.19 -43.32
C MET D 293 -7.49 -15.65 -41.90
N SER D 294 -7.18 -16.53 -40.95
CA SER D 294 -6.72 -16.06 -39.64
C SER D 294 -5.21 -16.17 -39.59
N ILE D 295 -4.58 -15.46 -38.68
CA ILE D 295 -3.14 -15.29 -38.74
C ILE D 295 -2.57 -15.15 -37.34
N ILE D 296 -1.52 -15.91 -37.03
CA ILE D 296 -0.80 -15.78 -35.77
C ILE D 296 0.73 -15.60 -35.97
N THR D 297 1.25 -14.51 -35.43
CA THR D 297 2.66 -14.15 -35.58
C THR D 297 3.03 -13.08 -34.59
N SER D 298 4.30 -12.70 -34.66
CA SER D 298 4.82 -11.73 -33.73
C SER D 298 4.55 -10.34 -34.27
N LEU D 299 4.67 -9.38 -33.38
CA LEU D 299 4.60 -7.99 -33.77
C LEU D 299 5.43 -7.70 -35.01
N SER D 300 6.66 -8.19 -35.04
CA SER D 300 7.62 -7.83 -36.11
C SER D 300 7.30 -8.41 -37.49
N THR D 301 6.55 -9.50 -37.53
CA THR D 301 6.23 -10.15 -38.80
C THR D 301 4.79 -9.88 -39.32
N ALA D 302 4.11 -8.89 -38.73
CA ALA D 302 2.69 -8.67 -39.02
C ALA D 302 2.43 -8.39 -40.50
N VAL D 303 3.12 -7.39 -41.01
CA VAL D 303 3.05 -7.02 -42.42
C VAL D 303 3.52 -8.15 -43.32
N ASP D 304 4.61 -8.81 -42.92
CA ASP D 304 5.18 -9.94 -43.64
C ASP D 304 4.16 -11.08 -43.77
N ALA D 305 3.36 -11.27 -42.73
CA ALA D 305 2.30 -12.27 -42.75
C ALA D 305 1.12 -11.92 -43.67
N LEU D 306 0.71 -10.64 -43.72
CA LEU D 306 -0.38 -10.24 -44.63
C LEU D 306 0.09 -10.50 -46.05
N ASN D 307 1.37 -10.28 -46.29
CA ASN D 307 1.97 -10.64 -47.58
C ASN D 307 2.27 -12.14 -47.72
N GLY D 308 1.56 -12.97 -46.96
CA GLY D 308 1.62 -14.43 -47.05
C GLY D 308 3.02 -15.02 -47.05
N LYS D 309 4.00 -14.21 -46.63
CA LYS D 309 5.39 -14.60 -46.54
C LYS D 309 5.75 -15.20 -45.17
N CYS D 310 4.79 -15.43 -44.28
CA CYS D 310 5.14 -16.07 -42.99
C CYS D 310 4.05 -16.25 -41.97
N GLY D 311 4.46 -16.63 -40.77
CA GLY D 311 3.56 -16.88 -39.67
C GLY D 311 2.55 -17.95 -39.93
N THR D 312 1.86 -18.38 -38.89
CA THR D 312 0.77 -19.34 -39.03
C THR D 312 -0.45 -18.66 -39.62
N ARG D 313 -0.76 -19.03 -40.86
CA ARG D 313 -1.91 -18.53 -41.56
C ARG D 313 -2.92 -19.67 -41.72
N ILE D 314 -4.05 -19.58 -41.03
CA ILE D 314 -5.08 -20.60 -41.15
C ILE D 314 -6.11 -20.27 -42.24
N ILE D 315 -6.40 -21.27 -43.08
CA ILE D 315 -7.10 -21.09 -44.35
C ILE D 315 -8.29 -22.04 -44.51
N LYS D 316 -9.29 -21.65 -45.31
CA LYS D 316 -10.50 -22.46 -45.47
C LYS D 316 -10.35 -23.77 -46.25
N ASP D 317 -11.31 -24.66 -46.05
CA ASP D 317 -11.51 -25.84 -46.89
C ASP D 317 -12.43 -25.39 -48.04
#